data_6XSU
#
_entry.id   6XSU
#
_cell.length_a   50.232
_cell.length_b   78.303
_cell.length_c   82.415
_cell.angle_alpha   90.000
_cell.angle_beta   92.075
_cell.angle_gamma   90.000
#
_symmetry.space_group_name_H-M   'P 1 21 1'
#
loop_
_entity.id
_entity.type
_entity.pdbx_description
1 polymer 'GH5-4 broad specificity endoglucanase'
2 non-polymer ETHANOL
3 water water
#
_entity_poly.entity_id   1
_entity_poly.type   'polypeptide(L)'
_entity_poly.pdbx_seq_one_letter_code
;SEFDAIAASNMTASQITQEMKIGWNLGNTLDAYGGTAKGVATETSWGNPKTTKAMIDAVKAKGFNTVRIPTTWFPHLDGS
NNIDSAWMARVKEVVDYCIDNDMYVILNLHHEEWVDRPDLGSAYNEMQPKFTKIWSQIADAFKDYDQHLIFESMNEPRAK
GTDHEWWGPQQSEVDTINKLNQDFVKLIRSSGSANNKNRLLMIPGYCASADQTMFSKIQVPSDNMVAISIHAYVPYDFTM
NTAVSDHSTFSTKYSSSLNQTLESIRNTFTSKGIPVVIGEFGTSNFGNTEARVKWAEQYMRTTKEMGIPCVLWDNNVINA
PSSAGECHGYLNRSNLTWYTESEPVVNKMMEVLGVS
;
_entity_poly.pdbx_strand_id   A,B
#
loop_
_chem_comp.id
_chem_comp.type
_chem_comp.name
_chem_comp.formula
EOH non-polymer ETHANOL 'C2 H6 O'
#
# COMPACT_ATOMS: atom_id res chain seq x y z
N ALA A 7 15.24 13.95 -2.74
CA ALA A 7 13.80 13.72 -2.65
C ALA A 7 13.39 13.39 -1.22
N ALA A 8 12.26 13.94 -0.80
CA ALA A 8 11.72 13.67 0.52
C ALA A 8 11.08 12.29 0.56
N SER A 9 11.20 11.62 1.69
CA SER A 9 10.54 10.32 1.80
C SER A 9 9.08 10.49 2.24
N ASN A 10 8.35 9.39 2.22
CA ASN A 10 6.91 9.45 2.41
C ASN A 10 6.55 9.65 3.89
N MET A 11 5.49 10.39 4.12
N MET A 11 5.48 10.39 4.12
CA MET A 11 4.97 10.63 5.46
CA MET A 11 4.97 10.63 5.46
C MET A 11 3.99 9.51 5.84
C MET A 11 3.96 9.55 5.85
N THR A 12 3.92 9.23 7.14
CA THR A 12 2.93 8.28 7.64
C THR A 12 1.57 8.96 7.83
N ALA A 13 0.54 8.12 8.01
CA ALA A 13 -0.80 8.67 8.26
C ALA A 13 -0.83 9.53 9.51
N SER A 14 -0.09 9.11 10.55
N SER A 14 -0.13 9.09 10.57
CA SER A 14 -0.08 9.85 11.82
CA SER A 14 -0.09 9.86 11.80
C SER A 14 0.65 11.19 11.68
C SER A 14 0.57 11.22 11.59
N GLN A 15 1.67 11.27 10.82
CA GLN A 15 2.32 12.54 10.56
C GLN A 15 1.38 13.47 9.79
N ILE A 16 0.63 12.93 8.82
CA ILE A 16 -0.24 13.76 8.00
C ILE A 16 -1.38 14.34 8.82
N THR A 17 -2.03 13.51 9.66
CA THR A 17 -3.17 14.02 10.42
C THR A 17 -2.73 15.08 11.43
N GLN A 18 -1.51 14.96 11.96
CA GLN A 18 -0.97 15.99 12.83
C GLN A 18 -0.77 17.29 12.07
N GLU A 19 -0.16 17.23 10.88
CA GLU A 19 0.10 18.46 10.13
C GLU A 19 -1.17 19.10 9.59
N MET A 20 -2.21 18.30 9.34
CA MET A 20 -3.48 18.86 8.86
C MET A 20 -4.02 19.93 9.80
N LYS A 21 -3.88 19.72 11.12
CA LYS A 21 -4.22 20.66 12.17
C LYS A 21 -5.72 20.90 12.34
N ILE A 22 -6.31 21.68 11.45
CA ILE A 22 -7.74 21.99 11.43
C ILE A 22 -8.09 22.42 10.01
N GLY A 23 -9.31 22.08 9.57
CA GLY A 23 -9.71 22.29 8.20
C GLY A 23 -10.95 23.15 8.04
N TRP A 24 -11.20 23.55 6.78
CA TRP A 24 -12.30 24.42 6.36
C TRP A 24 -12.87 23.86 5.07
N ASN A 25 -14.21 23.68 5.01
CA ASN A 25 -14.90 23.17 3.83
C ASN A 25 -15.36 24.33 2.94
N LEU A 26 -15.12 24.22 1.62
CA LEU A 26 -15.67 25.16 0.62
C LEU A 26 -17.09 24.75 0.27
N GLY A 27 -18.02 25.03 1.20
CA GLY A 27 -19.36 24.47 1.09
C GLY A 27 -20.25 25.22 0.11
N ASN A 28 -21.24 24.50 -0.44
CA ASN A 28 -22.24 25.08 -1.33
C ASN A 28 -21.61 25.73 -2.56
N THR A 29 -20.59 25.07 -3.11
CA THR A 29 -19.75 25.60 -4.19
C THR A 29 -19.60 24.54 -5.29
N LEU A 30 -18.52 23.77 -5.32
CA LEU A 30 -18.38 22.71 -6.32
C LEU A 30 -19.31 21.53 -6.06
N ASP A 31 -19.98 21.51 -4.89
CA ASP A 31 -20.98 20.53 -4.50
C ASP A 31 -22.39 20.89 -4.96
N ALA A 32 -22.61 22.12 -5.40
CA ALA A 32 -23.94 22.57 -5.79
C ALA A 32 -24.41 21.85 -7.06
N TYR A 33 -25.71 21.59 -7.11
CA TYR A 33 -26.31 20.88 -8.24
C TYR A 33 -27.80 21.21 -8.30
N GLY A 34 -28.40 20.91 -9.46
CA GLY A 34 -29.84 20.88 -9.60
C GLY A 34 -30.47 22.05 -10.32
N GLY A 35 -29.71 23.09 -10.65
CA GLY A 35 -30.30 24.25 -11.25
C GLY A 35 -30.60 24.06 -12.73
N THR A 36 -30.71 25.19 -13.43
CA THR A 36 -30.61 25.21 -14.88
C THR A 36 -29.19 25.48 -15.35
N ALA A 37 -28.28 25.79 -14.43
CA ALA A 37 -26.89 26.07 -14.77
C ALA A 37 -26.21 24.82 -15.29
N LYS A 38 -25.36 24.99 -16.30
CA LYS A 38 -24.61 23.90 -16.89
C LYS A 38 -23.12 24.25 -16.91
N GLY A 39 -22.28 23.22 -16.99
CA GLY A 39 -20.86 23.46 -17.06
C GLY A 39 -20.31 24.01 -15.74
N VAL A 40 -19.24 24.78 -15.86
CA VAL A 40 -18.57 25.32 -14.66
C VAL A 40 -19.48 26.27 -13.91
N ALA A 41 -20.58 26.74 -14.53
CA ALA A 41 -21.50 27.66 -13.88
C ALA A 41 -22.28 27.03 -12.72
N THR A 42 -22.23 25.70 -12.55
CA THR A 42 -22.85 25.12 -11.36
C THR A 42 -22.23 25.68 -10.08
N GLU A 43 -20.97 26.12 -10.16
CA GLU A 43 -20.27 26.61 -8.97
C GLU A 43 -21.01 27.74 -8.26
N THR A 44 -21.64 28.63 -9.02
CA THR A 44 -22.32 29.81 -8.47
C THR A 44 -23.82 29.62 -8.34
N SER A 45 -24.33 28.41 -8.57
CA SER A 45 -25.77 28.20 -8.70
C SER A 45 -26.50 28.20 -7.37
N TRP A 46 -25.81 28.09 -6.24
CA TRP A 46 -26.41 28.20 -4.91
C TRP A 46 -26.05 29.53 -4.24
N GLY A 47 -25.67 30.53 -5.04
CA GLY A 47 -25.57 31.89 -4.57
C GLY A 47 -24.21 32.33 -4.10
N ASN A 48 -23.19 31.46 -4.17
CA ASN A 48 -21.85 31.88 -3.76
C ASN A 48 -21.06 32.41 -4.96
N PRO A 49 -20.11 33.30 -4.69
CA PRO A 49 -19.28 33.85 -5.78
C PRO A 49 -18.28 32.82 -6.28
N LYS A 50 -17.76 33.06 -7.49
CA LYS A 50 -16.71 32.19 -8.00
C LYS A 50 -15.50 32.25 -7.06
N THR A 51 -14.98 31.07 -6.70
CA THR A 51 -13.90 31.00 -5.72
C THR A 51 -12.62 31.61 -6.31
N THR A 52 -11.88 32.33 -5.46
CA THR A 52 -10.60 32.93 -5.83
C THR A 52 -9.52 32.48 -4.87
N LYS A 53 -8.25 32.62 -5.29
CA LYS A 53 -7.14 32.33 -4.39
C LYS A 53 -7.13 33.27 -3.19
N ALA A 54 -7.54 34.53 -3.37
CA ALA A 54 -7.61 35.47 -2.25
C ALA A 54 -8.48 34.95 -1.12
N MET A 55 -9.59 34.27 -1.46
CA MET A 55 -10.43 33.67 -0.42
C MET A 55 -9.67 32.60 0.36
N ILE A 56 -8.99 31.70 -0.36
CA ILE A 56 -8.21 30.64 0.30
C ILE A 56 -7.05 31.24 1.11
N ASP A 57 -6.39 32.28 0.57
CA ASP A 57 -5.37 32.98 1.33
C ASP A 57 -5.91 33.41 2.71
N ALA A 58 -7.16 33.92 2.75
CA ALA A 58 -7.72 34.40 4.00
C ALA A 58 -8.01 33.24 4.96
N VAL A 59 -8.42 32.10 4.43
CA VAL A 59 -8.63 30.90 5.25
C VAL A 59 -7.32 30.47 5.92
N LYS A 60 -6.22 30.43 5.15
CA LYS A 60 -4.91 30.12 5.71
C LYS A 60 -4.48 31.15 6.76
N ALA A 61 -4.68 32.44 6.47
CA ALA A 61 -4.25 33.48 7.39
C ALA A 61 -4.92 33.36 8.75
N LYS A 62 -6.16 32.88 8.80
CA LYS A 62 -6.88 32.75 10.07
C LYS A 62 -6.38 31.58 10.90
N GLY A 63 -5.69 30.62 10.29
CA GLY A 63 -5.07 29.54 11.03
C GLY A 63 -5.39 28.14 10.55
N PHE A 64 -6.22 27.99 9.52
CA PHE A 64 -6.50 26.66 8.99
C PHE A 64 -5.34 26.17 8.12
N ASN A 65 -5.10 24.84 8.15
CA ASN A 65 -4.10 24.25 7.27
C ASN A 65 -4.63 23.16 6.35
N THR A 66 -5.94 22.92 6.30
CA THR A 66 -6.57 21.95 5.42
C THR A 66 -7.81 22.60 4.79
N VAL A 67 -8.03 22.34 3.50
CA VAL A 67 -9.28 22.71 2.83
C VAL A 67 -9.90 21.42 2.26
N ARG A 68 -11.17 21.17 2.60
CA ARG A 68 -11.95 20.14 1.92
C ARG A 68 -12.77 20.79 0.81
N ILE A 69 -12.74 20.18 -0.37
CA ILE A 69 -13.41 20.69 -1.57
C ILE A 69 -14.51 19.70 -1.92
N PRO A 70 -15.69 19.78 -1.28
CA PRO A 70 -16.80 18.89 -1.68
C PRO A 70 -17.19 19.14 -3.13
N THR A 71 -17.21 18.06 -3.93
CA THR A 71 -17.38 18.15 -5.38
C THR A 71 -18.43 17.15 -5.83
N THR A 72 -19.48 17.65 -6.50
CA THR A 72 -20.54 16.84 -7.07
C THR A 72 -20.29 16.68 -8.57
N TRP A 73 -20.03 15.44 -8.99
CA TRP A 73 -19.54 15.17 -10.34
C TRP A 73 -20.62 14.82 -11.36
N PHE A 74 -21.74 14.24 -10.95
CA PHE A 74 -22.67 13.67 -11.94
C PHE A 74 -23.18 14.67 -12.99
N PRO A 75 -23.40 15.95 -12.67
CA PRO A 75 -23.83 16.88 -13.74
C PRO A 75 -22.79 17.12 -14.82
N HIS A 76 -21.53 16.71 -14.60
CA HIS A 76 -20.41 16.95 -15.51
C HIS A 76 -19.93 15.69 -16.20
N LEU A 77 -20.78 14.65 -16.26
CA LEU A 77 -20.45 13.40 -16.93
C LEU A 77 -21.24 13.26 -18.23
N ASP A 78 -20.60 12.68 -19.26
CA ASP A 78 -21.34 12.26 -20.45
C ASP A 78 -21.93 10.87 -20.23
N GLY A 79 -22.54 10.33 -21.28
CA GLY A 79 -23.21 9.04 -21.17
C GLY A 79 -22.28 7.88 -20.86
N SER A 80 -21.00 8.02 -21.18
CA SER A 80 -19.99 7.00 -20.90
C SER A 80 -19.24 7.27 -19.61
N ASN A 81 -19.67 8.24 -18.81
CA ASN A 81 -19.03 8.62 -17.55
C ASN A 81 -17.68 9.27 -17.72
N ASN A 82 -17.41 9.86 -18.90
CA ASN A 82 -16.24 10.72 -19.04
C ASN A 82 -16.52 12.07 -18.38
N ILE A 83 -15.54 12.56 -17.60
CA ILE A 83 -15.68 13.85 -16.91
C ILE A 83 -15.34 14.99 -17.86
N ASP A 84 -16.22 15.98 -17.96
CA ASP A 84 -15.99 17.15 -18.82
C ASP A 84 -14.65 17.79 -18.51
N SER A 85 -13.86 18.06 -19.56
N SER A 85 -13.87 18.05 -19.57
CA SER A 85 -12.49 18.52 -19.32
CA SER A 85 -12.51 18.55 -19.41
C SER A 85 -12.43 19.92 -18.72
C SER A 85 -12.49 19.89 -18.68
N ALA A 86 -13.39 20.80 -19.04
CA ALA A 86 -13.39 22.11 -18.41
C ALA A 86 -13.74 22.02 -16.92
N TRP A 87 -14.58 21.05 -16.54
CA TRP A 87 -14.89 20.87 -15.13
C TRP A 87 -13.67 20.35 -14.36
N MET A 88 -13.01 19.31 -14.89
CA MET A 88 -11.78 18.82 -14.26
C MET A 88 -10.76 19.95 -14.09
N ALA A 89 -10.58 20.79 -15.12
CA ALA A 89 -9.61 21.89 -15.02
C ALA A 89 -10.00 22.88 -13.92
N ARG A 90 -11.29 23.16 -13.75
CA ARG A 90 -11.71 24.07 -12.69
C ARG A 90 -11.48 23.46 -11.30
N VAL A 91 -11.83 22.19 -11.12
CA VAL A 91 -11.55 21.52 -9.85
C VAL A 91 -10.05 21.61 -9.53
N LYS A 92 -9.20 21.33 -10.53
CA LYS A 92 -7.76 21.41 -10.33
C LYS A 92 -7.31 22.83 -9.99
N GLU A 93 -7.90 23.83 -10.65
CA GLU A 93 -7.55 25.23 -10.34
C GLU A 93 -7.82 25.55 -8.87
N VAL A 94 -8.95 25.07 -8.33
CA VAL A 94 -9.27 25.35 -6.92
C VAL A 94 -8.37 24.55 -5.98
N VAL A 95 -8.08 23.28 -6.32
CA VAL A 95 -7.11 22.50 -5.56
C VAL A 95 -5.79 23.26 -5.45
N ASP A 96 -5.33 23.83 -6.57
CA ASP A 96 -4.03 24.52 -6.59
C ASP A 96 -4.02 25.78 -5.73
N TYR A 97 -5.15 26.50 -5.61
CA TYR A 97 -5.20 27.63 -4.68
C TYR A 97 -4.74 27.21 -3.28
N CYS A 98 -5.10 25.98 -2.87
CA CYS A 98 -4.82 25.46 -1.54
C CYS A 98 -3.43 24.82 -1.46
N ILE A 99 -3.11 23.93 -2.39
CA ILE A 99 -1.81 23.26 -2.39
C ILE A 99 -0.68 24.27 -2.52
N ASP A 100 -0.88 25.33 -3.32
CA ASP A 100 0.15 26.34 -3.51
C ASP A 100 0.38 27.16 -2.24
N ASN A 101 -0.58 27.17 -1.31
CA ASN A 101 -0.45 27.77 0.01
C ASN A 101 0.13 26.80 1.05
N ASP A 102 0.67 25.66 0.60
CA ASP A 102 1.24 24.62 1.45
CA ASP A 102 1.25 24.64 1.48
C ASP A 102 0.20 23.99 2.38
N MET A 103 -1.06 23.99 1.97
CA MET A 103 -2.12 23.37 2.76
C MET A 103 -2.39 21.94 2.29
N TYR A 104 -3.06 21.17 3.15
CA TYR A 104 -3.63 19.88 2.78
C TYR A 104 -5.01 20.11 2.12
N VAL A 105 -5.38 19.18 1.22
CA VAL A 105 -6.65 19.22 0.50
C VAL A 105 -7.32 17.85 0.58
N ILE A 106 -8.63 17.84 0.82
CA ILE A 106 -9.45 16.63 0.73
C ILE A 106 -10.40 16.80 -0.45
N LEU A 107 -10.32 15.91 -1.45
CA LEU A 107 -11.20 15.91 -2.63
C LEU A 107 -12.04 14.63 -2.62
N ASN A 108 -13.36 14.78 -2.82
CA ASN A 108 -14.28 13.65 -2.69
C ASN A 108 -15.25 13.52 -3.88
N LEU A 109 -16.20 12.58 -3.79
CA LEU A 109 -17.46 12.62 -4.52
C LEU A 109 -18.55 12.95 -3.50
N HIS A 110 -19.44 13.92 -3.82
CA HIS A 110 -20.28 14.54 -2.80
C HIS A 110 -21.75 14.18 -2.99
N HIS A 111 -22.59 15.07 -3.54
CA HIS A 111 -24.04 14.84 -3.62
C HIS A 111 -24.41 14.00 -4.86
N GLU A 112 -23.85 12.80 -4.96
CA GLU A 112 -24.06 11.97 -6.15
C GLU A 112 -25.44 11.30 -6.10
N GLU A 113 -26.30 11.58 -7.08
CA GLU A 113 -27.64 10.99 -7.07
C GLU A 113 -27.62 9.48 -7.32
N TRP A 114 -26.51 8.96 -7.85
CA TRP A 114 -26.31 7.53 -8.08
C TRP A 114 -25.64 6.86 -6.87
N VAL A 115 -25.40 7.59 -5.78
CA VAL A 115 -24.92 7.03 -4.51
C VAL A 115 -25.96 7.17 -3.40
N ASP A 116 -26.53 8.37 -3.23
CA ASP A 116 -27.50 8.66 -2.17
C ASP A 116 -28.87 8.28 -2.73
N ARG A 117 -29.32 7.05 -2.45
CA ARG A 117 -30.44 6.47 -3.20
C ARG A 117 -31.19 5.42 -2.40
N PRO A 118 -32.52 5.35 -2.57
CA PRO A 118 -33.32 4.42 -1.73
C PRO A 118 -33.01 2.96 -1.98
N ASP A 119 -32.54 2.61 -3.18
CA ASP A 119 -32.21 1.25 -3.57
C ASP A 119 -30.72 0.93 -3.40
N LEU A 120 -30.00 1.65 -2.53
CA LEU A 120 -28.57 1.43 -2.34
C LEU A 120 -28.23 -0.04 -2.11
N GLY A 121 -29.07 -0.76 -1.36
CA GLY A 121 -28.77 -2.14 -1.03
C GLY A 121 -28.84 -3.12 -2.20
N SER A 122 -29.44 -2.73 -3.32
N SER A 122 -29.43 -2.72 -3.33
CA SER A 122 -29.49 -3.58 -4.50
CA SER A 122 -29.51 -3.56 -4.51
C SER A 122 -28.66 -3.06 -5.66
C SER A 122 -28.67 -3.04 -5.67
N ALA A 123 -27.95 -1.93 -5.48
CA ALA A 123 -27.38 -1.18 -6.60
C ALA A 123 -25.88 -1.39 -6.86
N TYR A 124 -25.22 -2.35 -6.20
CA TYR A 124 -23.76 -2.47 -6.33
C TYR A 124 -23.32 -2.70 -7.79
N ASN A 125 -23.96 -3.65 -8.49
CA ASN A 125 -23.49 -3.97 -9.84
C ASN A 125 -23.70 -2.81 -10.81
N GLU A 126 -24.74 -1.99 -10.60
CA GLU A 126 -24.93 -0.80 -11.43
C GLU A 126 -23.89 0.27 -11.09
N MET A 127 -23.55 0.39 -9.82
CA MET A 127 -22.69 1.48 -9.35
C MET A 127 -21.23 1.23 -9.67
N GLN A 128 -20.77 -0.02 -9.54
CA GLN A 128 -19.34 -0.32 -9.57
C GLN A 128 -18.62 0.20 -10.82
N PRO A 129 -19.10 -0.04 -12.05
CA PRO A 129 -18.34 0.46 -13.22
C PRO A 129 -18.26 1.98 -13.29
N LYS A 130 -19.32 2.68 -12.89
CA LYS A 130 -19.33 4.15 -12.90
C LYS A 130 -18.39 4.69 -11.84
N PHE A 131 -18.45 4.15 -10.63
CA PHE A 131 -17.57 4.53 -9.53
C PHE A 131 -16.10 4.35 -9.91
N THR A 132 -15.75 3.21 -10.52
CA THR A 132 -14.36 2.94 -10.86
CA THR A 132 -14.35 2.97 -10.83
C THR A 132 -13.87 3.84 -12.00
N LYS A 133 -14.73 4.08 -13.01
CA LYS A 133 -14.32 4.94 -14.12
C LYS A 133 -14.08 6.36 -13.65
N ILE A 134 -14.91 6.87 -12.73
CA ILE A 134 -14.73 8.22 -12.21
C ILE A 134 -13.43 8.32 -11.39
N TRP A 135 -13.22 7.39 -10.46
CA TRP A 135 -12.01 7.46 -9.65
C TRP A 135 -10.74 7.25 -10.46
N SER A 136 -10.79 6.43 -11.52
CA SER A 136 -9.62 6.28 -12.39
C SER A 136 -9.22 7.61 -13.02
N GLN A 137 -10.21 8.38 -13.47
CA GLN A 137 -9.92 9.67 -14.09
C GLN A 137 -9.36 10.67 -13.10
N ILE A 138 -9.90 10.69 -11.87
CA ILE A 138 -9.40 11.62 -10.86
C ILE A 138 -7.98 11.24 -10.45
N ALA A 139 -7.72 9.95 -10.25
CA ALA A 139 -6.38 9.51 -9.85
C ALA A 139 -5.34 9.87 -10.91
N ASP A 140 -5.71 9.79 -12.20
CA ASP A 140 -4.77 10.13 -13.25
C ASP A 140 -4.56 11.64 -13.35
N ALA A 141 -5.64 12.42 -13.22
CA ALA A 141 -5.51 13.87 -13.32
C ALA A 141 -4.59 14.43 -12.25
N PHE A 142 -4.56 13.81 -11.06
CA PHE A 142 -3.78 14.29 -9.93
C PHE A 142 -2.61 13.38 -9.59
N LYS A 143 -2.11 12.62 -10.57
CA LYS A 143 -1.10 11.59 -10.29
C LYS A 143 0.23 12.17 -9.80
N ASP A 144 0.55 13.41 -10.13
CA ASP A 144 1.83 13.99 -9.71
C ASP A 144 1.70 14.90 -8.49
N TYR A 145 0.56 14.89 -7.80
CA TYR A 145 0.39 15.63 -6.56
C TYR A 145 0.93 14.81 -5.38
N ASP A 146 1.64 15.47 -4.46
CA ASP A 146 2.23 14.79 -3.31
C ASP A 146 1.17 14.52 -2.24
N GLN A 147 1.62 14.15 -1.03
CA GLN A 147 0.71 13.70 0.00
C GLN A 147 -0.07 14.83 0.67
N HIS A 148 0.10 16.09 0.23
CA HIS A 148 -0.81 17.14 0.67
C HIS A 148 -2.22 16.92 0.12
N LEU A 149 -2.37 16.14 -0.95
CA LEU A 149 -3.69 15.84 -1.52
C LEU A 149 -4.19 14.50 -1.04
N ILE A 150 -5.42 14.49 -0.52
CA ILE A 150 -6.08 13.34 0.10
C ILE A 150 -7.35 13.06 -0.70
N PHE A 151 -7.59 11.78 -1.03
CA PHE A 151 -8.82 11.39 -1.73
C PHE A 151 -9.82 10.77 -0.73
N GLU A 152 -11.11 11.11 -0.87
CA GLU A 152 -12.20 10.57 -0.06
C GLU A 152 -13.24 9.88 -0.94
N SER A 153 -13.48 8.58 -0.68
CA SER A 153 -14.20 7.75 -1.65
CA SER A 153 -14.21 7.73 -1.62
C SER A 153 -15.61 8.26 -1.92
N MET A 154 -16.35 8.60 -0.86
CA MET A 154 -17.75 9.00 -0.91
C MET A 154 -18.00 9.93 0.27
N ASN A 155 -19.18 10.56 0.30
CA ASN A 155 -19.52 11.55 1.31
C ASN A 155 -20.42 10.98 2.42
N GLU A 156 -21.72 10.88 2.16
CA GLU A 156 -22.70 10.41 3.14
C GLU A 156 -23.59 9.33 2.53
N PRO A 157 -23.00 8.26 2.00
CA PRO A 157 -23.81 7.24 1.31
C PRO A 157 -24.87 6.67 2.24
N ARG A 158 -26.12 6.61 1.74
CA ARG A 158 -27.25 6.25 2.58
C ARG A 158 -28.46 5.93 1.71
N ALA A 159 -29.46 5.27 2.30
CA ALA A 159 -30.71 4.97 1.60
C ALA A 159 -31.64 6.19 1.71
N LYS A 160 -31.39 7.16 0.84
CA LYS A 160 -32.07 8.45 0.91
C LYS A 160 -33.57 8.29 0.69
N GLY A 161 -34.36 8.94 1.56
CA GLY A 161 -35.81 8.92 1.49
C GLY A 161 -36.50 7.83 2.27
N THR A 162 -35.75 6.83 2.76
CA THR A 162 -36.35 5.73 3.48
C THR A 162 -36.50 6.07 4.97
N ASP A 163 -37.19 5.17 5.69
CA ASP A 163 -37.35 5.26 7.14
C ASP A 163 -36.05 5.05 7.90
N HIS A 164 -34.97 4.70 7.20
CA HIS A 164 -33.67 4.43 7.83
C HIS A 164 -32.56 5.22 7.15
N GLU A 165 -32.89 6.40 6.61
CA GLU A 165 -31.90 7.23 5.93
C GLU A 165 -30.74 7.59 6.85
N TRP A 166 -31.03 7.88 8.13
CA TRP A 166 -30.03 8.39 9.06
C TRP A 166 -29.76 7.47 10.25
N TRP A 167 -30.40 6.29 10.31
CA TRP A 167 -30.28 5.40 11.45
C TRP A 167 -30.75 4.01 11.06
N GLY A 168 -30.05 2.98 11.54
CA GLY A 168 -30.51 1.62 11.42
C GLY A 168 -30.53 1.06 10.00
N PRO A 169 -29.37 1.03 9.36
CA PRO A 169 -29.29 0.56 7.98
C PRO A 169 -29.57 -0.93 7.84
N GLN A 170 -30.01 -1.32 6.63
CA GLN A 170 -30.08 -2.73 6.27
C GLN A 170 -28.69 -3.29 5.99
N GLN A 171 -28.54 -4.61 6.20
CA GLN A 171 -27.25 -5.25 5.94
C GLN A 171 -26.82 -5.08 4.48
N SER A 172 -27.78 -5.13 3.55
CA SER A 172 -27.47 -4.95 2.14
C SER A 172 -26.77 -3.61 1.89
N GLU A 173 -27.17 -2.55 2.60
CA GLU A 173 -26.62 -1.22 2.39
C GLU A 173 -25.22 -1.11 2.99
N VAL A 174 -25.03 -1.69 4.18
CA VAL A 174 -23.70 -1.83 4.78
C VAL A 174 -22.76 -2.53 3.80
N ASP A 175 -23.24 -3.62 3.18
CA ASP A 175 -22.43 -4.40 2.25
C ASP A 175 -22.02 -3.58 1.03
N THR A 176 -22.97 -2.85 0.42
CA THR A 176 -22.64 -2.07 -0.77
C THR A 176 -21.55 -1.05 -0.49
N ILE A 177 -21.67 -0.34 0.63
CA ILE A 177 -20.70 0.69 1.00
C ILE A 177 -19.34 0.06 1.27
N ASN A 178 -19.32 -1.01 2.07
CA ASN A 178 -18.05 -1.66 2.41
C ASN A 178 -17.33 -2.18 1.16
N LYS A 179 -18.08 -2.77 0.23
CA LYS A 179 -17.48 -3.30 -1.00
C LYS A 179 -16.91 -2.17 -1.87
N LEU A 180 -17.65 -1.08 -2.04
CA LEU A 180 -17.15 0.03 -2.83
C LEU A 180 -15.91 0.66 -2.19
N ASN A 181 -15.87 0.77 -0.86
CA ASN A 181 -14.66 1.30 -0.21
C ASN A 181 -13.46 0.40 -0.49
N GLN A 182 -13.64 -0.92 -0.49
CA GLN A 182 -12.51 -1.81 -0.80
C GLN A 182 -12.10 -1.64 -2.26
N ASP A 183 -13.08 -1.52 -3.18
CA ASP A 183 -12.78 -1.29 -4.59
C ASP A 183 -11.93 -0.02 -4.77
N PHE A 184 -12.29 1.05 -4.07
CA PHE A 184 -11.59 2.33 -4.16
C PHE A 184 -10.15 2.22 -3.72
N VAL A 185 -9.89 1.64 -2.54
CA VAL A 185 -8.50 1.56 -2.08
C VAL A 185 -7.67 0.71 -3.03
N LYS A 186 -8.21 -0.44 -3.47
CA LYS A 186 -7.49 -1.29 -4.41
C LYS A 186 -7.18 -0.56 -5.71
N LEU A 187 -8.14 0.21 -6.22
CA LEU A 187 -7.94 0.96 -7.46
C LEU A 187 -6.82 1.99 -7.33
N ILE A 188 -6.86 2.81 -6.27
CA ILE A 188 -5.83 3.82 -6.09
C ILE A 188 -4.45 3.20 -5.98
N ARG A 189 -4.31 2.09 -5.23
CA ARG A 189 -3.00 1.48 -5.07
C ARG A 189 -2.48 0.82 -6.35
N SER A 190 -3.38 0.49 -7.29
CA SER A 190 -2.97 -0.09 -8.56
CA SER A 190 -3.01 -0.09 -8.58
C SER A 190 -2.60 0.95 -9.60
N SER A 191 -2.76 2.24 -9.31
CA SER A 191 -2.30 3.30 -10.19
C SER A 191 -0.79 3.18 -10.40
N GLY A 192 -0.33 3.55 -11.58
CA GLY A 192 1.10 3.53 -11.85
C GLY A 192 1.90 4.59 -11.11
N SER A 193 1.24 5.53 -10.44
CA SER A 193 1.93 6.64 -9.78
C SER A 193 2.29 6.28 -8.35
N ALA A 194 3.56 6.50 -7.98
CA ALA A 194 3.98 6.26 -6.60
C ALA A 194 3.30 7.22 -5.63
N ASN A 195 2.97 8.44 -6.08
CA ASN A 195 2.22 9.35 -5.21
C ASN A 195 0.87 8.74 -4.83
N ASN A 196 0.19 8.11 -5.80
CA ASN A 196 -1.09 7.49 -5.48
C ASN A 196 -0.93 6.27 -4.59
N LYS A 197 0.17 5.52 -4.76
CA LYS A 197 0.41 4.35 -3.91
C LYS A 197 0.64 4.74 -2.45
N ASN A 198 1.20 5.93 -2.20
CA ASN A 198 1.48 6.41 -0.85
C ASN A 198 0.44 7.41 -0.32
N ARG A 199 -0.63 7.70 -1.06
CA ARG A 199 -1.56 8.76 -0.69
C ARG A 199 -2.44 8.36 0.49
N LEU A 200 -2.67 9.30 1.42
CA LEU A 200 -3.68 9.08 2.46
C LEU A 200 -5.07 9.09 1.82
N LEU A 201 -5.90 8.09 2.18
CA LEU A 201 -7.25 7.96 1.67
C LEU A 201 -8.23 7.94 2.84
N MET A 202 -9.43 8.51 2.61
CA MET A 202 -10.50 8.56 3.61
C MET A 202 -11.72 7.79 3.09
N ILE A 203 -12.35 7.02 3.99
CA ILE A 203 -13.55 6.25 3.66
C ILE A 203 -14.63 6.43 4.73
N PRO A 204 -15.90 6.64 4.31
CA PRO A 204 -16.98 6.80 5.29
C PRO A 204 -17.75 5.52 5.55
N GLY A 205 -18.52 5.49 6.64
CA GLY A 205 -19.55 4.50 6.84
C GLY A 205 -20.92 5.00 6.42
N TYR A 206 -21.94 4.19 6.74
CA TYR A 206 -23.31 4.55 6.43
C TYR A 206 -23.64 5.95 6.97
N CYS A 207 -24.17 6.80 6.07
CA CYS A 207 -24.52 8.22 6.29
C CYS A 207 -23.44 9.03 7.00
N ALA A 208 -22.17 8.60 6.91
CA ALA A 208 -21.07 9.28 7.61
C ALA A 208 -21.33 9.41 9.10
N SER A 209 -22.03 8.44 9.69
CA SER A 209 -22.57 8.60 11.04
C SER A 209 -21.48 8.71 12.11
N ALA A 210 -21.79 9.52 13.13
CA ALA A 210 -21.01 9.59 14.35
C ALA A 210 -21.59 8.72 15.47
N ASP A 211 -22.56 7.87 15.16
CA ASP A 211 -23.13 6.94 16.13
C ASP A 211 -22.48 5.57 15.99
N GLN A 212 -22.00 5.03 17.11
CA GLN A 212 -21.23 3.79 17.10
C GLN A 212 -22.00 2.61 16.51
N THR A 213 -23.35 2.60 16.60
CA THR A 213 -24.09 1.50 16.02
C THR A 213 -23.82 1.38 14.52
N MET A 214 -23.54 2.49 13.84
CA MET A 214 -23.25 2.46 12.41
C MET A 214 -21.76 2.46 12.09
N PHE A 215 -20.93 3.28 12.78
CA PHE A 215 -19.51 3.29 12.42
C PHE A 215 -18.77 2.01 12.85
N SER A 216 -19.32 1.24 13.80
CA SER A 216 -18.71 -0.03 14.17
C SER A 216 -18.89 -1.11 13.10
N LYS A 217 -19.76 -0.89 12.11
CA LYS A 217 -19.98 -1.84 11.03
C LYS A 217 -19.09 -1.58 9.80
N ILE A 218 -18.24 -0.56 9.85
CA ILE A 218 -17.32 -0.28 8.74
C ILE A 218 -16.24 -1.36 8.68
N GLN A 219 -16.05 -1.94 7.49
CA GLN A 219 -14.96 -2.85 7.20
C GLN A 219 -13.72 -2.02 6.89
N VAL A 220 -12.70 -2.12 7.74
CA VAL A 220 -11.46 -1.37 7.54
C VAL A 220 -10.57 -2.13 6.57
N PRO A 221 -10.23 -1.56 5.41
CA PRO A 221 -9.31 -2.24 4.49
C PRO A 221 -7.97 -2.52 5.16
N SER A 222 -7.32 -3.60 4.74
CA SER A 222 -5.98 -3.94 5.25
C SER A 222 -4.97 -3.04 4.52
N ASP A 223 -4.92 -1.78 4.94
CA ASP A 223 -4.10 -0.73 4.31
C ASP A 223 -3.76 0.29 5.40
N ASN A 224 -2.47 0.56 5.58
CA ASN A 224 -1.92 1.39 6.65
C ASN A 224 -1.96 2.88 6.33
N MET A 225 -2.49 3.26 5.16
CA MET A 225 -2.63 4.66 4.75
C MET A 225 -4.09 5.01 4.46
N VAL A 226 -5.00 4.53 5.32
CA VAL A 226 -6.43 4.80 5.23
C VAL A 226 -6.93 5.35 6.56
N ALA A 227 -7.77 6.39 6.48
CA ALA A 227 -8.46 6.95 7.63
C ALA A 227 -9.97 6.82 7.48
N ILE A 228 -10.67 6.66 8.60
CA ILE A 228 -12.13 6.67 8.63
C ILE A 228 -12.61 8.11 8.67
N SER A 229 -13.62 8.42 7.83
N SER A 229 -13.61 8.43 7.85
CA SER A 229 -14.28 9.72 7.80
CA SER A 229 -14.22 9.75 7.86
C SER A 229 -15.59 9.66 8.60
C SER A 229 -15.59 9.72 8.53
N ILE A 230 -15.82 10.69 9.42
CA ILE A 230 -17.05 10.83 10.19
C ILE A 230 -17.55 12.28 10.08
N HIS A 231 -18.86 12.45 9.95
CA HIS A 231 -19.50 13.76 10.11
C HIS A 231 -20.09 13.81 11.52
N ALA A 232 -19.81 14.89 12.25
CA ALA A 232 -20.16 14.96 13.67
C ALA A 232 -20.65 16.36 14.05
N TYR A 233 -21.83 16.72 13.56
CA TYR A 233 -22.52 17.96 13.95
C TYR A 233 -23.29 17.71 15.25
N VAL A 234 -22.56 17.32 16.29
CA VAL A 234 -23.18 16.81 17.51
C VAL A 234 -22.97 17.76 18.69
N PRO A 235 -23.92 17.83 19.63
CA PRO A 235 -25.23 17.15 19.60
C PRO A 235 -26.23 17.89 18.71
N TYR A 236 -26.96 17.13 17.88
CA TYR A 236 -27.79 17.72 16.83
C TYR A 236 -28.85 18.69 17.38
N ASP A 237 -29.45 18.37 18.52
CA ASP A 237 -30.48 19.25 19.08
C ASP A 237 -29.95 20.64 19.41
N PHE A 238 -28.64 20.76 19.71
CA PHE A 238 -27.99 22.04 19.92
C PHE A 238 -27.46 22.66 18.62
N THR A 239 -26.78 21.86 17.79
CA THR A 239 -26.05 22.43 16.66
C THR A 239 -26.99 22.97 15.58
N MET A 240 -28.08 22.23 15.29
CA MET A 240 -28.86 22.55 14.11
C MET A 240 -30.37 22.34 14.14
N ASN A 241 -30.90 21.59 15.10
CA ASN A 241 -32.30 21.15 15.02
C ASN A 241 -33.27 22.33 15.22
N THR A 242 -34.01 22.67 14.16
CA THR A 242 -34.97 23.78 14.23
C THR A 242 -36.27 23.40 14.95
N ALA A 243 -36.51 22.12 15.22
CA ALA A 243 -37.64 21.71 16.04
C ALA A 243 -37.40 22.03 17.51
N VAL A 244 -36.16 22.30 17.91
CA VAL A 244 -35.84 22.73 19.27
C VAL A 244 -35.83 24.26 19.27
N SER A 245 -36.66 24.86 20.14
CA SER A 245 -36.84 26.31 20.12
C SER A 245 -35.60 27.04 20.63
N ASP A 246 -35.06 26.63 21.77
CA ASP A 246 -33.99 27.36 22.46
C ASP A 246 -32.64 26.70 22.14
N HIS A 247 -31.72 27.51 21.60
CA HIS A 247 -30.32 27.12 21.39
C HIS A 247 -29.37 28.05 22.13
N SER A 248 -29.87 28.80 23.12
CA SER A 248 -29.07 29.88 23.72
C SER A 248 -28.00 29.39 24.68
N THR A 249 -28.04 28.13 25.14
CA THR A 249 -27.15 27.68 26.20
C THR A 249 -26.56 26.31 25.88
N PHE A 250 -25.23 26.19 26.01
CA PHE A 250 -24.57 24.89 25.90
C PHE A 250 -24.60 24.25 27.29
N SER A 251 -25.75 23.63 27.60
CA SER A 251 -26.03 23.13 28.95
C SER A 251 -25.31 21.82 29.25
N THR A 252 -25.38 21.41 30.53
CA THR A 252 -24.67 20.20 30.96
CA THR A 252 -24.68 20.21 30.97
C THR A 252 -25.10 18.98 30.16
N LYS A 253 -26.39 18.85 29.84
CA LYS A 253 -26.85 17.68 29.09
C LYS A 253 -26.19 17.61 27.72
N TYR A 254 -26.00 18.76 27.08
CA TYR A 254 -25.33 18.79 25.78
C TYR A 254 -23.83 18.48 25.92
N SER A 255 -23.19 18.94 26.99
CA SER A 255 -21.80 18.58 27.24
C SER A 255 -21.66 17.07 27.43
N SER A 256 -22.60 16.46 28.14
CA SER A 256 -22.59 15.01 28.33
CA SER A 256 -22.56 15.01 28.33
C SER A 256 -22.71 14.29 27.00
N SER A 257 -23.66 14.70 26.16
CA SER A 257 -23.86 14.07 24.86
C SER A 257 -22.61 14.16 24.00
N LEU A 258 -21.99 15.34 23.93
CA LEU A 258 -20.79 15.51 23.10
C LEU A 258 -19.67 14.60 23.59
N ASN A 259 -19.44 14.55 24.90
CA ASN A 259 -18.39 13.70 25.44
C ASN A 259 -18.63 12.23 25.11
N GLN A 260 -19.88 11.78 25.23
CA GLN A 260 -20.19 10.38 24.94
C GLN A 260 -19.86 10.03 23.49
N THR A 261 -20.22 10.90 22.55
CA THR A 261 -19.95 10.63 21.14
C THR A 261 -18.44 10.56 20.88
N LEU A 262 -17.69 11.58 21.32
CA LEU A 262 -16.25 11.60 21.07
C LEU A 262 -15.54 10.43 21.72
N GLU A 263 -15.91 10.06 22.95
CA GLU A 263 -15.27 8.92 23.60
C GLU A 263 -15.60 7.60 22.88
N SER A 264 -16.77 7.50 22.24
CA SER A 264 -17.07 6.27 21.50
C SER A 264 -16.17 6.13 20.28
N ILE A 265 -15.76 7.26 19.68
CA ILE A 265 -14.83 7.23 18.55
C ILE A 265 -13.44 6.83 19.03
N ARG A 266 -13.02 7.32 20.19
CA ARG A 266 -11.74 6.90 20.75
C ARG A 266 -11.73 5.40 21.03
N ASN A 267 -12.84 4.89 21.58
CA ASN A 267 -12.92 3.48 21.97
C ASN A 267 -12.82 2.57 20.76
N THR A 268 -13.55 2.89 19.69
CA THR A 268 -13.59 2.02 18.52
C THR A 268 -12.35 2.18 17.64
N PHE A 269 -11.84 3.40 17.48
CA PHE A 269 -10.83 3.67 16.46
C PHE A 269 -9.48 4.10 17.04
N THR A 270 -9.36 5.31 17.60
CA THR A 270 -8.03 5.86 17.83
C THR A 270 -7.27 5.13 18.93
N SER A 271 -7.95 4.62 19.97
CA SER A 271 -7.28 3.82 20.99
C SER A 271 -6.75 2.50 20.42
N LYS A 272 -7.20 2.11 19.23
CA LYS A 272 -6.77 0.89 18.57
C LYS A 272 -5.85 1.17 17.38
N GLY A 273 -5.39 2.42 17.24
CA GLY A 273 -4.44 2.76 16.20
C GLY A 273 -5.00 3.04 14.84
N ILE A 274 -6.31 3.25 14.72
CA ILE A 274 -6.96 3.47 13.43
C ILE A 274 -7.14 4.97 13.24
N PRO A 275 -6.60 5.57 12.17
CA PRO A 275 -6.76 7.01 11.98
C PRO A 275 -8.21 7.42 11.70
N VAL A 276 -8.58 8.60 12.19
CA VAL A 276 -9.89 9.19 11.97
C VAL A 276 -9.75 10.66 11.57
N VAL A 277 -10.56 11.10 10.60
CA VAL A 277 -10.73 12.51 10.25
C VAL A 277 -12.21 12.85 10.35
N ILE A 278 -12.54 13.91 11.11
CA ILE A 278 -13.91 14.45 11.18
C ILE A 278 -14.00 15.46 10.04
N GLY A 279 -14.52 14.99 8.89
CA GLY A 279 -14.50 15.77 7.67
C GLY A 279 -15.55 16.87 7.59
N GLU A 280 -16.60 16.80 8.41
CA GLU A 280 -17.55 17.90 8.58
C GLU A 280 -17.98 17.96 10.05
N PHE A 281 -17.97 19.17 10.63
CA PHE A 281 -18.62 19.48 11.90
C PHE A 281 -18.99 20.96 11.88
N GLY A 282 -19.83 21.37 12.82
CA GLY A 282 -20.20 22.77 12.92
C GLY A 282 -21.47 22.98 13.72
N THR A 283 -21.82 24.27 13.86
CA THR A 283 -23.03 24.75 14.51
C THR A 283 -23.66 25.85 13.65
N SER A 284 -24.98 25.92 13.61
CA SER A 284 -25.65 27.02 12.92
C SER A 284 -25.73 28.26 13.80
N ASN A 285 -25.73 29.44 13.15
CA ASN A 285 -25.87 30.73 13.83
C ASN A 285 -27.33 30.99 14.19
N PHE A 286 -27.68 30.70 15.46
CA PHE A 286 -28.97 31.03 16.04
C PHE A 286 -28.91 32.30 16.92
N GLY A 287 -27.94 33.17 16.69
CA GLY A 287 -27.76 34.30 17.59
C GLY A 287 -27.35 33.86 18.97
N ASN A 288 -26.52 32.81 19.05
CA ASN A 288 -26.10 32.11 20.27
C ASN A 288 -24.57 31.96 20.29
N THR A 289 -23.86 33.06 20.12
CA THR A 289 -22.41 32.98 19.90
C THR A 289 -21.69 32.41 21.13
N GLU A 290 -22.02 32.88 22.33
CA GLU A 290 -21.36 32.40 23.54
C GLU A 290 -21.54 30.89 23.73
N ALA A 291 -22.74 30.37 23.46
CA ALA A 291 -22.97 28.93 23.58
C ALA A 291 -22.14 28.15 22.57
N ARG A 292 -22.06 28.66 21.33
CA ARG A 292 -21.25 28.02 20.30
C ARG A 292 -19.77 28.05 20.66
N VAL A 293 -19.31 29.11 21.33
CA VAL A 293 -17.92 29.15 21.79
C VAL A 293 -17.65 28.08 22.84
N LYS A 294 -18.58 27.89 23.80
CA LYS A 294 -18.38 26.85 24.82
CA LYS A 294 -18.37 26.85 24.81
C LYS A 294 -18.35 25.47 24.19
N TRP A 295 -19.27 25.21 23.24
CA TRP A 295 -19.25 23.96 22.47
C TRP A 295 -17.91 23.76 21.78
N ALA A 296 -17.40 24.81 21.11
CA ALA A 296 -16.14 24.66 20.38
C ALA A 296 -14.97 24.39 21.31
N GLU A 297 -14.94 25.02 22.49
CA GLU A 297 -13.84 24.78 23.42
C GLU A 297 -13.77 23.32 23.83
N GLN A 298 -14.92 22.74 24.20
CA GLN A 298 -14.94 21.33 24.59
C GLN A 298 -14.58 20.43 23.41
N TYR A 299 -15.18 20.69 22.24
CA TYR A 299 -14.96 19.85 21.06
C TYR A 299 -13.49 19.80 20.69
N MET A 300 -12.83 20.97 20.66
CA MET A 300 -11.44 21.01 20.20
C MET A 300 -10.46 20.52 21.27
N ARG A 301 -10.73 20.80 22.54
CA ARG A 301 -9.89 20.25 23.60
C ARG A 301 -9.89 18.72 23.56
N THR A 302 -11.05 18.11 23.35
CA THR A 302 -11.13 16.65 23.33
C THR A 302 -10.47 16.07 22.09
N THR A 303 -10.77 16.61 20.90
CA THR A 303 -10.24 16.03 19.67
C THR A 303 -8.73 16.27 19.54
N LYS A 304 -8.23 17.41 20.04
CA LYS A 304 -6.80 17.66 20.00
C LYS A 304 -6.03 16.56 20.72
N GLU A 305 -6.49 16.17 21.90
CA GLU A 305 -5.81 15.12 22.67
C GLU A 305 -5.96 13.75 22.02
N MET A 306 -7.04 13.53 21.26
CA MET A 306 -7.22 12.29 20.51
C MET A 306 -6.45 12.26 19.19
N GLY A 307 -5.90 13.40 18.76
CA GLY A 307 -5.22 13.48 17.49
C GLY A 307 -6.12 13.44 16.27
N ILE A 308 -7.37 13.88 16.40
CA ILE A 308 -8.33 13.83 15.29
C ILE A 308 -8.44 15.22 14.70
N PRO A 309 -8.03 15.45 13.44
CA PRO A 309 -8.29 16.74 12.79
C PRO A 309 -9.76 16.88 12.40
N CYS A 310 -10.28 18.09 12.58
CA CYS A 310 -11.69 18.42 12.33
C CYS A 310 -11.79 19.49 11.25
N VAL A 311 -12.78 19.34 10.36
CA VAL A 311 -12.92 20.19 9.18
C VAL A 311 -14.28 20.91 9.25
N LEU A 312 -14.24 22.22 9.48
CA LEU A 312 -15.44 23.02 9.71
C LEU A 312 -16.25 23.22 8.42
N TRP A 313 -17.58 23.08 8.52
CA TRP A 313 -18.46 23.33 7.38
C TRP A 313 -18.75 24.82 7.27
N ASP A 314 -18.39 25.44 6.15
CA ASP A 314 -18.63 26.87 5.91
C ASP A 314 -19.33 27.03 4.56
N ASN A 315 -20.63 27.34 4.60
CA ASN A 315 -21.43 27.50 3.39
C ASN A 315 -21.67 28.97 3.01
N ASN A 316 -21.04 29.91 3.71
CA ASN A 316 -21.17 31.35 3.43
C ASN A 316 -22.62 31.86 3.59
N VAL A 317 -23.41 31.23 4.47
CA VAL A 317 -24.77 31.67 4.78
C VAL A 317 -24.81 32.10 6.25
N ILE A 318 -25.04 33.40 6.49
CA ILE A 318 -25.10 33.92 7.86
C ILE A 318 -26.54 34.10 8.34
N ASN A 319 -27.51 34.19 7.42
CA ASN A 319 -28.91 34.46 7.73
C ASN A 319 -29.79 33.66 6.78
N ALA A 320 -30.80 32.96 7.33
CA ALA A 320 -31.71 32.14 6.52
C ALA A 320 -33.01 31.88 7.29
N PRO A 321 -33.95 32.82 7.26
CA PRO A 321 -35.15 32.67 8.11
C PRO A 321 -36.01 31.46 7.81
N SER A 322 -36.00 30.93 6.59
CA SER A 322 -36.78 29.72 6.29
C SER A 322 -35.98 28.43 6.48
N SER A 323 -34.68 28.51 6.81
CA SER A 323 -33.83 27.34 7.06
C SER A 323 -32.79 27.72 8.14
N ALA A 324 -33.30 27.98 9.35
CA ALA A 324 -32.47 28.57 10.41
C ALA A 324 -31.35 27.65 10.86
N GLY A 325 -31.43 26.36 10.54
CA GLY A 325 -30.40 25.40 10.89
C GLY A 325 -29.24 25.29 9.93
N GLU A 326 -29.25 26.08 8.86
CA GLU A 326 -28.26 25.98 7.79
C GLU A 326 -27.43 27.25 7.66
N CYS A 327 -27.27 28.00 8.76
CA CYS A 327 -26.50 29.24 8.75
C CYS A 327 -25.08 28.95 9.22
N HIS A 328 -24.28 28.41 8.30
CA HIS A 328 -22.92 27.93 8.57
C HIS A 328 -21.85 28.84 7.96
N GLY A 329 -22.12 30.14 7.86
CA GLY A 329 -21.12 31.05 7.29
C GLY A 329 -20.10 31.52 8.33
N TYR A 330 -18.82 31.55 7.92
CA TYR A 330 -17.74 32.12 8.73
C TYR A 330 -16.94 33.16 7.93
N LEU A 331 -16.41 32.80 6.77
CA LEU A 331 -15.75 33.77 5.90
C LEU A 331 -16.79 34.44 5.00
N ASN A 332 -16.89 35.77 5.08
CA ASN A 332 -17.68 36.53 4.11
C ASN A 332 -16.84 36.63 2.83
N ARG A 333 -17.14 35.76 1.87
N ARG A 333 -17.18 35.77 1.86
CA ARG A 333 -16.24 35.57 0.74
CA ARG A 333 -16.34 35.61 0.68
C ARG A 333 -16.10 36.84 -0.09
C ARG A 333 -16.35 36.84 -0.22
N SER A 334 -17.19 37.57 -0.30
N SER A 334 -17.41 37.65 -0.16
CA SER A 334 -17.19 38.73 -1.19
CA SER A 334 -17.51 38.79 -1.06
C SER A 334 -16.52 39.96 -0.57
C SER A 334 -16.50 39.88 -0.72
N ASN A 335 -16.25 39.96 0.74
N ASN A 335 -16.17 40.05 0.58
CA ASN A 335 -15.54 41.06 1.39
CA ASN A 335 -15.27 41.12 0.99
C ASN A 335 -14.19 40.65 1.94
C ASN A 335 -14.11 40.66 1.88
N LEU A 336 -13.91 39.34 2.03
CA LEU A 336 -12.70 38.82 2.69
C LEU A 336 -12.62 39.26 4.16
N THR A 337 -13.78 39.38 4.81
CA THR A 337 -13.88 39.59 6.25
C THR A 337 -14.58 38.37 6.85
N TRP A 338 -14.55 38.27 8.18
CA TRP A 338 -15.23 37.18 8.90
C TRP A 338 -16.52 37.72 9.51
N TYR A 339 -17.62 36.95 9.35
CA TYR A 339 -18.91 37.36 9.88
C TYR A 339 -18.83 37.59 11.38
N THR A 340 -19.32 38.75 11.84
CA THR A 340 -19.15 39.15 13.24
C THR A 340 -19.79 38.16 14.21
N GLU A 341 -20.96 37.61 13.85
CA GLU A 341 -21.65 36.74 14.80
C GLU A 341 -20.92 35.42 15.02
N SER A 342 -20.15 34.94 14.05
CA SER A 342 -19.54 33.63 14.11
CA SER A 342 -19.54 33.63 14.11
C SER A 342 -18.03 33.63 14.28
N GLU A 343 -17.37 34.78 14.11
CA GLU A 343 -15.92 34.80 14.24
C GLU A 343 -15.43 34.32 15.60
N PRO A 344 -16.06 34.65 16.73
CA PRO A 344 -15.54 34.15 18.02
C PRO A 344 -15.50 32.64 18.11
N VAL A 345 -16.34 31.93 17.35
CA VAL A 345 -16.31 30.47 17.37
C VAL A 345 -15.02 29.94 16.75
N VAL A 346 -14.62 30.50 15.60
CA VAL A 346 -13.34 30.12 14.99
C VAL A 346 -12.18 30.51 15.89
N ASN A 347 -12.24 31.72 16.48
CA ASN A 347 -11.15 32.18 17.34
C ASN A 347 -10.91 31.21 18.50
N LYS A 348 -11.98 30.66 19.08
CA LYS A 348 -11.81 29.69 20.17
C LYS A 348 -11.11 28.43 19.68
N MET A 349 -11.47 27.96 18.47
CA MET A 349 -10.80 26.77 17.93
C MET A 349 -9.30 27.00 17.79
N MET A 350 -8.90 28.15 17.24
CA MET A 350 -7.48 28.45 17.06
C MET A 350 -6.78 28.64 18.41
N GLU A 351 -7.48 29.20 19.40
CA GLU A 351 -6.90 29.34 20.73
C GLU A 351 -6.56 27.99 21.35
N VAL A 352 -7.51 27.04 21.29
CA VAL A 352 -7.27 25.71 21.87
C VAL A 352 -6.09 25.03 21.17
N LEU A 353 -6.04 25.12 19.85
CA LEU A 353 -5.00 24.39 19.10
C LEU A 353 -3.62 25.02 19.25
N GLY A 354 -3.55 26.31 19.58
CA GLY A 354 -2.26 26.96 19.81
C GLY A 354 -1.51 26.36 20.97
N ALA B 8 44.39 -14.17 -10.29
CA ALA B 8 43.33 -14.23 -9.28
C ALA B 8 42.71 -15.62 -9.23
N SER B 9 43.21 -16.46 -8.31
CA SER B 9 42.76 -17.83 -8.21
C SER B 9 41.31 -17.87 -7.70
N ASN B 10 40.77 -19.09 -7.62
CA ASN B 10 39.37 -19.24 -7.33
C ASN B 10 39.10 -19.29 -5.83
N MET B 11 37.91 -18.82 -5.46
CA MET B 11 37.44 -18.79 -4.09
C MET B 11 36.75 -20.12 -3.76
N THR B 12 36.76 -20.45 -2.47
CA THR B 12 35.92 -21.53 -1.97
C THR B 12 34.46 -21.05 -1.85
N ALA B 13 33.55 -22.01 -1.68
CA ALA B 13 32.15 -21.68 -1.46
C ALA B 13 31.97 -20.80 -0.23
N SER B 14 32.74 -21.09 0.84
N SER B 14 32.72 -21.08 0.84
CA SER B 14 32.64 -20.34 2.08
CA SER B 14 32.56 -20.30 2.06
C SER B 14 33.09 -18.89 1.91
C SER B 14 33.09 -18.88 1.92
N GLN B 15 34.13 -18.67 1.11
CA GLN B 15 34.58 -17.31 0.84
C GLN B 15 33.47 -16.53 0.14
N ILE B 16 32.79 -17.18 -0.82
CA ILE B 16 31.74 -16.53 -1.58
C ILE B 16 30.54 -16.19 -0.69
N THR B 17 30.08 -17.16 0.11
CA THR B 17 28.91 -16.90 0.95
C THR B 17 29.20 -15.83 2.00
N GLN B 18 30.45 -15.72 2.47
CA GLN B 18 30.83 -14.64 3.36
C GLN B 18 30.80 -13.30 2.63
N GLU B 19 31.46 -13.20 1.48
CA GLU B 19 31.53 -11.91 0.79
C GLU B 19 30.17 -11.47 0.24
N MET B 20 29.24 -12.40 -0.01
CA MET B 20 27.89 -12.04 -0.44
C MET B 20 27.25 -11.07 0.56
N LYS B 21 27.54 -11.25 1.85
CA LYS B 21 27.09 -10.42 2.97
C LYS B 21 25.57 -10.47 3.21
N ILE B 22 24.81 -9.76 2.37
CA ILE B 22 23.35 -9.72 2.40
C ILE B 22 22.88 -9.30 1.00
N GLY B 23 21.76 -9.87 0.56
CA GLY B 23 21.27 -9.68 -0.78
C GLY B 23 19.89 -9.02 -0.87
N TRP B 24 19.52 -8.65 -2.11
CA TRP B 24 18.29 -7.95 -2.46
C TRP B 24 17.76 -8.54 -3.75
N ASN B 25 16.47 -8.93 -3.75
CA ASN B 25 15.81 -9.49 -4.93
C ASN B 25 15.13 -8.39 -5.74
N LEU B 26 15.35 -8.38 -7.06
CA LEU B 26 14.63 -7.52 -8.01
C LEU B 26 13.26 -8.15 -8.30
N GLY B 27 12.36 -8.03 -7.32
CA GLY B 27 11.09 -8.74 -7.39
C GLY B 27 10.06 -8.11 -8.32
N ASN B 28 9.18 -8.95 -8.85
CA ASN B 28 8.05 -8.50 -9.70
C ASN B 28 8.54 -7.73 -10.93
N THR B 29 9.62 -8.21 -11.54
CA THR B 29 10.33 -7.54 -12.64
C THR B 29 10.59 -8.52 -13.78
N LEU B 30 11.79 -9.11 -13.89
CA LEU B 30 12.04 -10.08 -14.97
C LEU B 30 11.34 -11.41 -14.72
N ASP B 31 10.73 -11.58 -13.54
CA ASP B 31 9.92 -12.73 -13.17
C ASP B 31 8.47 -12.61 -13.60
N ALA B 32 8.02 -11.42 -13.99
CA ALA B 32 6.62 -11.21 -14.32
C ALA B 32 6.24 -11.95 -15.60
N TYR B 33 4.98 -12.41 -15.65
CA TYR B 33 4.47 -13.15 -16.79
C TYR B 33 2.95 -13.11 -16.78
N GLY B 34 2.36 -13.48 -17.94
CA GLY B 34 0.96 -13.86 -17.99
C GLY B 34 -0.02 -12.83 -18.52
N GLY B 35 0.42 -11.66 -18.91
CA GLY B 35 -0.49 -10.61 -19.36
C GLY B 35 -0.70 -10.63 -20.85
N THR B 36 -1.00 -9.46 -21.40
CA THR B 36 -0.95 -9.25 -22.83
C THR B 36 0.42 -8.78 -23.31
N ALA B 37 1.31 -8.40 -22.39
CA ALA B 37 2.63 -7.93 -22.78
C ALA B 37 3.40 -9.02 -23.51
N LYS B 38 4.15 -8.62 -24.54
CA LYS B 38 5.05 -9.51 -25.26
C LYS B 38 6.47 -8.95 -25.26
N GLY B 39 7.44 -9.84 -25.49
CA GLY B 39 8.83 -9.42 -25.59
C GLY B 39 9.38 -8.84 -24.30
N VAL B 40 10.34 -7.91 -24.44
CA VAL B 40 10.99 -7.32 -23.27
C VAL B 40 9.99 -6.54 -22.41
N ALA B 41 8.80 -6.24 -22.93
CA ALA B 41 7.79 -5.50 -22.17
C ALA B 41 7.23 -6.26 -20.99
N THR B 42 7.47 -7.58 -20.89
CA THR B 42 7.03 -8.28 -19.69
C THR B 42 7.63 -7.64 -18.43
N GLU B 43 8.81 -7.02 -18.55
CA GLU B 43 9.50 -6.47 -17.39
C GLU B 43 8.63 -5.49 -16.62
N THR B 44 7.83 -4.69 -17.31
CA THR B 44 7.02 -3.65 -16.69
C THR B 44 5.55 -4.07 -16.51
N SER B 45 5.22 -5.34 -16.77
CA SER B 45 3.83 -5.78 -16.85
C SER B 45 3.18 -6.00 -15.48
N TRP B 46 3.94 -6.04 -14.40
CA TRP B 46 3.37 -6.13 -13.06
C TRP B 46 3.51 -4.82 -12.28
N GLY B 47 3.64 -3.69 -12.98
CA GLY B 47 3.53 -2.38 -12.35
C GLY B 47 4.83 -1.71 -11.94
N ASN B 48 5.97 -2.35 -12.16
CA ASN B 48 7.24 -1.72 -11.82
C ASN B 48 7.85 -1.02 -13.03
N PRO B 49 8.61 0.05 -12.80
CA PRO B 49 9.29 0.74 -13.91
C PRO B 49 10.43 -0.10 -14.46
N LYS B 50 10.85 0.23 -15.69
CA LYS B 50 12.00 -0.43 -16.28
C LYS B 50 13.22 -0.22 -15.38
N THR B 51 13.96 -1.29 -15.11
CA THR B 51 15.07 -1.21 -14.16
C THR B 51 16.20 -0.35 -14.73
N THR B 52 16.83 0.46 -13.86
CA THR B 52 17.97 1.28 -14.21
C THR B 52 19.18 0.95 -13.33
N LYS B 53 20.37 1.32 -13.81
CA LYS B 53 21.56 1.15 -12.96
C LYS B 53 21.45 2.01 -11.70
N ALA B 54 20.82 3.18 -11.78
CA ALA B 54 20.66 4.04 -10.61
C ALA B 54 19.93 3.33 -9.48
N MET B 55 18.93 2.49 -9.80
CA MET B 55 18.27 1.72 -8.76
C MET B 55 19.23 0.77 -8.08
N ILE B 56 20.03 0.03 -8.87
CA ILE B 56 21.00 -0.91 -8.31
C ILE B 56 22.07 -0.16 -7.51
N ASP B 57 22.49 1.01 -8.01
CA ASP B 57 23.42 1.85 -7.25
C ASP B 57 22.87 2.15 -5.85
N ALA B 58 21.57 2.46 -5.77
CA ALA B 58 20.95 2.77 -4.48
C ALA B 58 20.95 1.55 -3.55
N VAL B 59 20.72 0.36 -4.11
CA VAL B 59 20.77 -0.88 -3.34
C VAL B 59 22.18 -1.10 -2.77
N LYS B 60 23.21 -0.92 -3.60
CA LYS B 60 24.58 -1.04 -3.11
C LYS B 60 24.87 -0.02 -2.02
N ALA B 61 24.44 1.22 -2.22
CA ALA B 61 24.78 2.28 -1.28
C ALA B 61 24.18 2.05 0.10
N LYS B 62 23.02 1.38 0.17
CA LYS B 62 22.39 1.07 1.46
C LYS B 62 23.10 -0.05 2.21
N GLY B 63 23.93 -0.86 1.53
CA GLY B 63 24.74 -1.85 2.22
C GLY B 63 24.66 -3.28 1.70
N PHE B 64 23.82 -3.53 0.70
CA PHE B 64 23.71 -4.85 0.10
C PHE B 64 24.93 -5.13 -0.78
N ASN B 65 25.35 -6.42 -0.84
CA ASN B 65 26.42 -6.81 -1.76
C ASN B 65 26.06 -7.94 -2.73
N THR B 66 24.80 -8.38 -2.75
CA THR B 66 24.28 -9.38 -3.67
C THR B 66 22.93 -8.93 -4.23
N VAL B 67 22.69 -9.18 -5.52
CA VAL B 67 21.38 -9.01 -6.13
C VAL B 67 20.95 -10.35 -6.74
N ARG B 68 19.76 -10.82 -6.38
CA ARG B 68 19.13 -11.94 -7.09
C ARG B 68 18.16 -11.37 -8.13
N ILE B 69 18.26 -11.88 -9.35
CA ILE B 69 17.46 -11.43 -10.50
C ILE B 69 16.52 -12.58 -10.86
N PRO B 70 15.36 -12.71 -10.20
CA PRO B 70 14.41 -13.77 -10.59
C PRO B 70 13.92 -13.53 -12.02
N THR B 71 14.05 -14.57 -12.86
CA THR B 71 13.83 -14.46 -14.30
C THR B 71 12.95 -15.62 -14.78
N THR B 72 11.81 -15.27 -15.38
CA THR B 72 10.87 -16.23 -15.97
C THR B 72 11.10 -16.26 -17.47
N TRP B 73 11.51 -17.42 -17.99
CA TRP B 73 12.00 -17.54 -19.36
C TRP B 73 10.95 -18.02 -20.37
N PHE B 74 9.94 -18.80 -19.96
CA PHE B 74 9.08 -19.46 -20.93
C PHE B 74 8.37 -18.52 -21.91
N PRO B 75 7.95 -17.31 -21.54
CA PRO B 75 7.31 -16.43 -22.54
C PRO B 75 8.26 -15.97 -23.64
N HIS B 76 9.55 -16.25 -23.51
CA HIS B 76 10.59 -15.75 -24.40
C HIS B 76 11.25 -16.88 -25.19
N LEU B 77 10.56 -18.01 -25.32
CA LEU B 77 11.06 -19.16 -26.06
C LEU B 77 10.32 -19.30 -27.38
N ASP B 78 11.04 -19.73 -28.43
CA ASP B 78 10.39 -20.20 -29.65
C ASP B 78 9.93 -21.65 -29.46
N GLY B 79 9.38 -22.23 -30.53
CA GLY B 79 8.87 -23.59 -30.46
C GLY B 79 9.93 -24.65 -30.25
N SER B 80 11.20 -24.30 -30.41
CA SER B 80 12.32 -25.23 -30.25
C SER B 80 13.12 -24.93 -29.00
N ASN B 81 12.58 -24.11 -28.09
CA ASN B 81 13.22 -23.75 -26.82
C ASN B 81 14.44 -22.87 -26.99
N ASN B 82 14.59 -22.20 -28.13
CA ASN B 82 15.60 -21.16 -28.28
C ASN B 82 15.12 -19.89 -27.59
N ILE B 83 16.02 -19.24 -26.84
CA ILE B 83 15.71 -18.02 -26.09
C ILE B 83 15.84 -16.81 -27.00
N ASP B 84 14.80 -15.97 -27.04
CA ASP B 84 14.80 -14.74 -27.86
C ASP B 84 16.03 -13.90 -27.55
N SER B 85 16.74 -13.48 -28.61
N SER B 85 16.72 -13.48 -28.62
CA SER B 85 18.00 -12.78 -28.39
CA SER B 85 17.97 -12.75 -28.47
C SER B 85 17.81 -11.43 -27.69
C SER B 85 17.77 -11.46 -27.68
N ALA B 86 16.69 -10.74 -27.95
CA ALA B 86 16.46 -9.45 -27.28
C ALA B 86 16.23 -9.65 -25.79
N TRP B 87 15.57 -10.74 -25.41
CA TRP B 87 15.38 -11.02 -23.98
C TRP B 87 16.72 -11.32 -23.30
N MET B 88 17.53 -12.22 -23.88
CA MET B 88 18.82 -12.53 -23.30
C MET B 88 19.66 -11.28 -23.14
N ALA B 89 19.62 -10.38 -24.14
CA ALA B 89 20.41 -9.15 -24.06
C ALA B 89 19.92 -8.25 -22.92
N ARG B 90 18.60 -8.20 -22.69
CA ARG B 90 18.10 -7.39 -21.59
C ARG B 90 18.46 -7.98 -20.22
N VAL B 91 18.33 -9.31 -20.08
CA VAL B 91 18.75 -9.95 -18.83
C VAL B 91 20.21 -9.63 -18.55
N LYS B 92 21.07 -9.69 -19.58
CA LYS B 92 22.49 -9.41 -19.40
C LYS B 92 22.74 -7.95 -19.03
N GLU B 93 21.96 -7.00 -19.58
CA GLU B 93 22.09 -5.60 -19.19
C GLU B 93 21.87 -5.43 -17.68
N VAL B 94 20.86 -6.12 -17.14
CA VAL B 94 20.53 -6.00 -15.72
C VAL B 94 21.59 -6.68 -14.86
N VAL B 95 22.05 -7.87 -15.27
CA VAL B 95 23.18 -8.52 -14.60
C VAL B 95 24.36 -7.54 -14.51
N ASP B 96 24.66 -6.84 -15.61
CA ASP B 96 25.84 -5.97 -15.64
C ASP B 96 25.69 -4.75 -14.73
N TYR B 97 24.46 -4.24 -14.53
CA TYR B 97 24.26 -3.17 -13.55
C TYR B 97 24.86 -3.57 -12.20
N CYS B 98 24.72 -4.85 -11.84
CA CYS B 98 25.16 -5.37 -10.55
C CYS B 98 26.64 -5.77 -10.57
N ILE B 99 27.07 -6.50 -11.60
CA ILE B 99 28.47 -6.90 -11.72
C ILE B 99 29.37 -5.67 -11.77
N ASP B 100 28.93 -4.61 -12.46
CA ASP B 100 29.74 -3.41 -12.59
C ASP B 100 29.87 -2.64 -11.27
N ASN B 101 29.00 -2.94 -10.29
CA ASN B 101 29.10 -2.44 -8.92
C ASN B 101 29.91 -3.37 -8.00
N ASP B 102 30.61 -4.36 -8.58
CA ASP B 102 31.39 -5.34 -7.83
CA ASP B 102 31.39 -5.34 -7.83
C ASP B 102 30.53 -6.19 -6.89
N MET B 103 29.27 -6.41 -7.26
CA MET B 103 28.36 -7.21 -6.46
C MET B 103 28.30 -8.66 -6.95
N TYR B 104 27.81 -9.55 -6.09
CA TYR B 104 27.43 -10.90 -6.47
C TYR B 104 26.01 -10.88 -7.07
N VAL B 105 25.75 -11.81 -8.00
CA VAL B 105 24.47 -11.93 -8.70
C VAL B 105 24.02 -13.38 -8.68
N ILE B 106 22.73 -13.62 -8.38
CA ILE B 106 22.11 -14.94 -8.52
C ILE B 106 21.11 -14.87 -9.68
N LEU B 107 21.30 -15.73 -10.70
CA LEU B 107 20.39 -15.82 -11.85
C LEU B 107 19.76 -17.20 -11.86
N ASN B 108 18.43 -17.28 -12.04
CA ASN B 108 17.72 -18.56 -11.96
C ASN B 108 16.74 -18.78 -13.10
N LEU B 109 15.95 -19.88 -13.03
CA LEU B 109 14.68 -20.01 -13.73
C LEU B 109 13.59 -19.89 -12.66
N HIS B 110 12.55 -19.07 -12.91
CA HIS B 110 11.65 -18.65 -11.83
C HIS B 110 10.27 -19.24 -12.03
N HIS B 111 9.28 -18.46 -12.51
CA HIS B 111 7.89 -18.94 -12.60
C HIS B 111 7.66 -19.74 -13.89
N GLU B 112 8.36 -20.86 -14.06
CA GLU B 112 8.23 -21.65 -15.29
C GLU B 112 7.00 -22.56 -15.23
N GLU B 113 6.05 -22.37 -16.17
CA GLU B 113 4.84 -23.20 -16.19
C GLU B 113 5.14 -24.67 -16.52
N TRP B 114 6.32 -24.95 -17.10
CA TRP B 114 6.78 -26.29 -17.44
C TRP B 114 7.59 -26.94 -16.31
N VAL B 115 7.76 -26.23 -15.17
CA VAL B 115 8.33 -26.79 -13.96
C VAL B 115 7.29 -26.88 -12.84
N ASP B 116 6.57 -25.79 -12.58
CA ASP B 116 5.56 -25.71 -11.52
C ASP B 116 4.25 -26.20 -12.13
N ARG B 117 3.94 -27.49 -11.95
CA ARG B 117 2.92 -28.15 -12.75
C ARG B 117 2.34 -29.34 -12.01
N PRO B 118 1.04 -29.64 -12.21
CA PRO B 118 0.41 -30.71 -11.42
C PRO B 118 0.97 -32.09 -11.69
N ASP B 119 1.56 -32.31 -12.87
CA ASP B 119 2.13 -33.60 -13.27
C ASP B 119 3.65 -33.65 -13.11
N LEU B 120 4.21 -32.84 -12.19
CA LEU B 120 5.66 -32.83 -12.00
C LEU B 120 6.22 -34.24 -11.80
N GLY B 121 5.50 -35.08 -11.06
CA GLY B 121 6.01 -36.40 -10.74
C GLY B 121 6.22 -37.31 -11.94
N SER B 122 5.44 -37.12 -13.01
N SER B 122 5.46 -37.09 -13.01
CA SER B 122 5.54 -37.97 -14.18
CA SER B 122 5.51 -37.94 -14.19
C SER B 122 6.23 -37.30 -15.36
C SER B 122 6.17 -37.27 -15.38
N ALA B 123 6.69 -36.07 -15.20
CA ALA B 123 7.13 -35.24 -16.32
C ALA B 123 8.64 -35.21 -16.58
N TYR B 124 9.44 -36.03 -15.88
CA TYR B 124 10.89 -35.91 -16.00
C TYR B 124 11.37 -36.02 -17.46
N ASN B 125 10.95 -37.08 -18.16
CA ASN B 125 11.48 -37.31 -19.51
C ASN B 125 11.06 -36.20 -20.47
N GLU B 126 9.86 -35.67 -20.29
CA GLU B 126 9.39 -34.56 -21.12
C GLU B 126 10.17 -33.28 -20.81
N MET B 127 10.46 -33.03 -19.54
CA MET B 127 11.10 -31.80 -19.12
C MET B 127 12.60 -31.78 -19.44
N GLN B 128 13.26 -32.94 -19.34
CA GLN B 128 14.72 -32.97 -19.33
C GLN B 128 15.36 -32.31 -20.55
N PRO B 129 14.96 -32.60 -21.79
CA PRO B 129 15.62 -31.94 -22.92
C PRO B 129 15.41 -30.42 -22.96
N LYS B 130 14.25 -29.96 -22.50
CA LYS B 130 13.96 -28.52 -22.46
C LYS B 130 14.80 -27.84 -21.38
N PHE B 131 14.85 -28.44 -20.19
CA PHE B 131 15.69 -27.93 -19.09
C PHE B 131 17.15 -27.82 -19.52
N THR B 132 17.68 -28.86 -20.18
CA THR B 132 19.08 -28.88 -20.58
CA THR B 132 19.10 -28.84 -20.53
C THR B 132 19.37 -27.85 -21.66
N LYS B 133 18.46 -27.71 -22.63
CA LYS B 133 18.69 -26.75 -23.71
C LYS B 133 18.67 -25.32 -23.21
N ILE B 134 17.77 -25.01 -22.27
CA ILE B 134 17.71 -23.66 -21.69
C ILE B 134 18.98 -23.36 -20.88
N TRP B 135 19.40 -24.27 -20.00
CA TRP B 135 20.60 -24.04 -19.20
C TRP B 135 21.86 -24.00 -20.05
N SER B 136 21.93 -24.80 -21.13
CA SER B 136 23.07 -24.72 -22.03
C SER B 136 23.22 -23.32 -22.61
N GLN B 137 22.10 -22.70 -23.01
CA GLN B 137 22.15 -21.37 -23.59
C GLN B 137 22.57 -20.32 -22.56
N ILE B 138 22.07 -20.43 -21.33
CA ILE B 138 22.42 -19.47 -20.29
C ILE B 138 23.90 -19.62 -19.93
N ALA B 139 24.37 -20.86 -19.77
CA ALA B 139 25.76 -21.08 -19.40
C ALA B 139 26.72 -20.56 -20.47
N ASP B 140 26.34 -20.69 -21.75
CA ASP B 140 27.18 -20.15 -22.82
C ASP B 140 27.14 -18.62 -22.84
N ALA B 141 25.95 -18.03 -22.67
CA ALA B 141 25.84 -16.58 -22.71
C ALA B 141 26.65 -15.90 -21.61
N PHE B 142 26.77 -16.54 -20.45
CA PHE B 142 27.44 -15.97 -19.27
C PHE B 142 28.76 -16.67 -18.94
N LYS B 143 29.36 -17.37 -19.91
CA LYS B 143 30.56 -18.14 -19.64
C LYS B 143 31.75 -17.27 -19.24
N ASP B 144 31.76 -15.98 -19.59
CA ASP B 144 32.91 -15.13 -19.33
C ASP B 144 32.86 -14.44 -17.97
N TYR B 145 31.81 -14.67 -17.18
CA TYR B 145 31.65 -14.07 -15.86
C TYR B 145 32.32 -14.94 -14.79
N ASP B 146 33.07 -14.30 -13.89
CA ASP B 146 33.78 -15.01 -12.83
C ASP B 146 32.84 -15.41 -11.69
N GLN B 147 33.40 -15.73 -10.52
CA GLN B 147 32.59 -16.31 -9.44
C GLN B 147 31.64 -15.31 -8.77
N HIS B 148 31.62 -14.06 -9.19
CA HIS B 148 30.58 -13.17 -8.71
C HIS B 148 29.20 -13.57 -9.23
N LEU B 149 29.13 -14.33 -10.33
CA LEU B 149 27.86 -14.78 -10.88
C LEU B 149 27.58 -16.22 -10.44
N ILE B 150 26.38 -16.43 -9.87
CA ILE B 150 25.93 -17.68 -9.29
C ILE B 150 24.70 -18.13 -10.09
N PHE B 151 24.64 -19.42 -10.44
CA PHE B 151 23.47 -19.98 -11.13
C PHE B 151 22.62 -20.79 -10.16
N GLU B 152 21.29 -20.63 -10.24
CA GLU B 152 20.31 -21.36 -9.43
C GLU B 152 19.38 -22.16 -10.34
N SER B 153 19.33 -23.49 -10.13
CA SER B 153 18.74 -24.38 -11.12
CA SER B 153 18.73 -24.40 -11.11
C SER B 153 17.25 -24.11 -11.31
N MET B 154 16.51 -23.95 -10.22
CA MET B 154 15.06 -23.78 -10.23
C MET B 154 14.71 -22.95 -9.00
N ASN B 155 13.44 -22.52 -8.91
CA ASN B 155 12.99 -21.64 -7.84
C ASN B 155 12.23 -22.37 -6.74
N GLU B 156 10.95 -22.70 -6.99
CA GLU B 156 10.09 -23.35 -6.00
C GLU B 156 9.36 -24.52 -6.66
N PRO B 157 10.10 -25.48 -7.23
CA PRO B 157 9.45 -26.56 -7.99
C PRO B 157 8.45 -27.33 -7.15
N ARG B 158 7.24 -27.54 -7.70
CA ARG B 158 6.16 -28.14 -6.92
C ARG B 158 5.04 -28.58 -7.85
N ALA B 159 4.12 -29.38 -7.30
CA ALA B 159 2.95 -29.86 -8.02
C ALA B 159 1.84 -28.81 -7.95
N LYS B 160 2.03 -27.74 -8.72
CA LYS B 160 1.16 -26.59 -8.68
C LYS B 160 -0.28 -26.96 -9.04
N GLY B 161 -1.23 -26.50 -8.23
CA GLY B 161 -2.64 -26.73 -8.46
C GLY B 161 -3.22 -27.95 -7.78
N THR B 162 -2.37 -28.82 -7.21
CA THR B 162 -2.84 -29.99 -6.50
C THR B 162 -3.07 -29.68 -5.03
N ASP B 163 -3.69 -30.62 -4.33
CA ASP B 163 -3.87 -30.46 -2.89
C ASP B 163 -2.56 -30.53 -2.11
N HIS B 164 -1.46 -30.95 -2.74
CA HIS B 164 -0.16 -31.04 -2.06
C HIS B 164 0.87 -30.08 -2.65
N GLU B 165 0.39 -28.93 -3.18
CA GLU B 165 1.28 -27.95 -3.78
C GLU B 165 2.35 -27.48 -2.81
N TRP B 166 2.00 -27.29 -1.53
CA TRP B 166 2.91 -26.66 -0.58
C TRP B 166 3.35 -27.57 0.57
N TRP B 167 2.90 -28.82 0.62
CA TRP B 167 3.24 -29.73 1.70
C TRP B 167 2.95 -31.15 1.26
N GLY B 168 3.78 -32.09 1.70
CA GLY B 168 3.53 -33.50 1.50
C GLY B 168 3.70 -33.97 0.06
N PRO B 169 4.88 -33.79 -0.51
CA PRO B 169 5.11 -34.24 -1.89
C PRO B 169 5.06 -35.76 -2.03
N GLN B 170 4.70 -36.22 -3.22
CA GLN B 170 4.85 -37.62 -3.58
C GLN B 170 6.32 -37.93 -3.89
N GLN B 171 6.71 -39.21 -3.71
CA GLN B 171 8.09 -39.60 -3.96
C GLN B 171 8.51 -39.31 -5.39
N SER B 172 7.60 -39.53 -6.35
CA SER B 172 7.93 -39.25 -7.74
C SER B 172 8.34 -37.80 -7.95
N GLU B 173 7.72 -36.86 -7.21
CA GLU B 173 8.04 -35.44 -7.36
C GLU B 173 9.40 -35.12 -6.75
N VAL B 174 9.70 -35.70 -5.59
CA VAL B 174 11.05 -35.61 -5.02
C VAL B 174 12.09 -36.13 -5.99
N ASP B 175 11.80 -37.28 -6.64
CA ASP B 175 12.77 -37.90 -7.54
C ASP B 175 13.02 -37.04 -8.78
N THR B 176 11.96 -36.43 -9.33
CA THR B 176 12.12 -35.59 -10.52
C THR B 176 13.02 -34.39 -10.21
N ILE B 177 12.79 -33.72 -9.08
CA ILE B 177 13.60 -32.58 -8.68
C ILE B 177 15.05 -32.99 -8.45
N ASN B 178 15.27 -34.08 -7.70
CA ASN B 178 16.63 -34.52 -7.42
C ASN B 178 17.40 -34.86 -8.70
N LYS B 179 16.74 -35.50 -9.66
CA LYS B 179 17.42 -35.86 -10.90
C LYS B 179 17.72 -34.61 -11.74
N LEU B 180 16.79 -33.66 -11.82
CA LEU B 180 17.06 -32.44 -12.56
C LEU B 180 18.21 -31.64 -11.95
N ASN B 181 18.28 -31.56 -10.62
CA ASN B 181 19.40 -30.88 -9.96
C ASN B 181 20.73 -31.55 -10.30
N GLN B 182 20.75 -32.88 -10.34
CA GLN B 182 21.98 -33.59 -10.71
C GLN B 182 22.34 -33.33 -12.17
N ASP B 183 21.34 -33.35 -13.05
CA ASP B 183 21.56 -33.02 -14.46
C ASP B 183 22.16 -31.62 -14.61
N PHE B 184 21.67 -30.67 -13.80
CA PHE B 184 22.12 -29.28 -13.86
C PHE B 184 23.59 -29.15 -13.49
N VAL B 185 23.99 -29.75 -12.37
CA VAL B 185 25.39 -29.68 -11.97
C VAL B 185 26.29 -30.33 -13.03
N LYS B 186 25.90 -31.51 -13.51
CA LYS B 186 26.68 -32.20 -14.54
C LYS B 186 26.85 -31.33 -15.79
N LEU B 187 25.77 -30.67 -16.22
CA LEU B 187 25.81 -29.85 -17.42
C LEU B 187 26.75 -28.64 -17.25
N ILE B 188 26.60 -27.89 -16.15
CA ILE B 188 27.42 -26.70 -15.94
C ILE B 188 28.90 -27.07 -15.88
N ARG B 189 29.25 -28.14 -15.14
CA ARG B 189 30.64 -28.55 -15.02
C ARG B 189 31.21 -29.11 -16.33
N SER B 190 30.35 -29.58 -17.26
CA SER B 190 30.81 -30.07 -18.55
CA SER B 190 30.83 -30.07 -18.55
C SER B 190 31.18 -28.94 -19.51
N SER B 191 30.83 -27.70 -19.19
CA SER B 191 31.21 -26.57 -20.03
C SER B 191 32.72 -26.53 -20.22
N GLY B 192 33.14 -26.11 -21.41
CA GLY B 192 34.55 -25.87 -21.64
C GLY B 192 35.10 -24.68 -20.89
N SER B 193 34.24 -23.83 -20.33
CA SER B 193 34.69 -22.60 -19.69
C SER B 193 35.11 -22.87 -18.25
N ALA B 194 36.36 -22.48 -17.90
CA ALA B 194 36.81 -22.61 -16.53
C ALA B 194 35.93 -21.85 -15.54
N ASN B 195 35.36 -20.70 -15.94
CA ASN B 195 34.48 -19.97 -15.04
C ASN B 195 33.27 -20.83 -14.68
N ASN B 196 32.69 -21.55 -15.64
CA ASN B 196 31.57 -22.42 -15.33
C ASN B 196 31.98 -23.61 -14.48
N LYS B 197 33.22 -24.11 -14.65
CA LYS B 197 33.66 -25.26 -13.86
C LYS B 197 33.83 -24.90 -12.38
N ASN B 198 34.14 -23.63 -12.09
CA ASN B 198 34.43 -23.19 -10.73
C ASN B 198 33.30 -22.38 -10.08
N ARG B 199 32.16 -22.22 -10.76
CA ARG B 199 31.09 -21.35 -10.31
C ARG B 199 30.33 -21.95 -9.14
N LEU B 200 29.92 -21.10 -8.19
CA LEU B 200 28.97 -21.54 -7.16
C LEU B 200 27.61 -21.79 -7.80
N LEU B 201 26.99 -22.91 -7.46
CA LEU B 201 25.67 -23.30 -7.94
C LEU B 201 24.74 -23.51 -6.76
N MET B 202 23.47 -23.08 -6.92
CA MET B 202 22.43 -23.24 -5.90
C MET B 202 21.34 -24.19 -6.41
N ILE B 203 20.87 -25.08 -5.54
CA ILE B 203 19.81 -26.03 -5.90
C ILE B 203 18.74 -26.09 -4.81
N PRO B 204 17.44 -26.11 -5.19
CA PRO B 204 16.37 -26.20 -4.19
C PRO B 204 15.77 -27.57 -4.01
N GLY B 205 15.01 -27.76 -2.92
CA GLY B 205 14.11 -28.87 -2.78
C GLY B 205 12.68 -28.51 -3.13
N TYR B 206 11.77 -29.45 -2.87
CA TYR B 206 10.34 -29.24 -3.13
C TYR B 206 9.88 -27.93 -2.48
N CYS B 207 9.28 -27.06 -3.28
N CYS B 207 9.22 -27.10 -3.30
CA CYS B 207 8.71 -25.79 -2.83
CA CYS B 207 8.73 -25.76 -2.97
C CYS B 207 9.73 -24.80 -2.29
C CYS B 207 9.70 -24.90 -2.16
N ALA B 208 11.02 -25.10 -2.36
CA ALA B 208 12.04 -24.36 -1.63
C ALA B 208 11.78 -24.32 -0.13
N SER B 209 11.26 -25.42 0.41
CA SER B 209 10.73 -25.42 1.77
C SER B 209 11.81 -25.26 2.83
N ALA B 210 11.47 -24.52 3.89
CA ALA B 210 12.30 -24.40 5.08
C ALA B 210 11.89 -25.38 6.20
N ASP B 211 10.98 -26.32 5.90
CA ASP B 211 10.56 -27.34 6.84
C ASP B 211 11.43 -28.59 6.68
N GLN B 212 12.00 -29.06 7.78
CA GLN B 212 12.94 -30.19 7.74
C GLN B 212 12.33 -31.43 7.12
N THR B 213 11.01 -31.61 7.21
CA THR B 213 10.40 -32.82 6.65
C THR B 213 10.60 -32.90 5.14
N MET B 214 10.72 -31.74 4.48
CA MET B 214 10.92 -31.66 3.04
C MET B 214 12.38 -31.45 2.64
N PHE B 215 13.11 -30.55 3.31
CA PHE B 215 14.52 -30.33 2.91
C PHE B 215 15.42 -31.52 3.23
N SER B 216 15.03 -32.39 4.16
CA SER B 216 15.82 -33.59 4.44
C SER B 216 15.77 -34.63 3.31
N LYS B 217 14.91 -34.44 2.31
CA LYS B 217 14.78 -35.34 1.18
C LYS B 217 15.62 -34.92 -0.03
N ILE B 218 16.33 -33.79 0.07
CA ILE B 218 17.17 -33.31 -1.02
C ILE B 218 18.41 -34.19 -1.15
N GLN B 219 18.68 -34.65 -2.36
CA GLN B 219 19.91 -35.36 -2.69
C GLN B 219 20.96 -34.33 -3.09
N VAL B 220 22.08 -34.28 -2.35
CA VAL B 220 23.12 -33.29 -2.57
C VAL B 220 24.11 -33.86 -3.57
N PRO B 221 24.29 -33.26 -4.74
CA PRO B 221 25.27 -33.79 -5.70
C PRO B 221 26.67 -33.76 -5.12
N SER B 222 27.50 -34.71 -5.54
CA SER B 222 28.89 -34.79 -5.09
C SER B 222 29.68 -33.69 -5.83
N ASP B 223 29.83 -32.53 -5.18
CA ASP B 223 30.42 -31.34 -5.78
C ASP B 223 30.68 -30.37 -4.63
N ASN B 224 31.89 -29.84 -4.48
CA ASN B 224 32.20 -28.97 -3.35
C ASN B 224 31.93 -27.49 -3.63
N MET B 225 31.28 -27.15 -4.75
CA MET B 225 30.87 -25.78 -5.06
C MET B 225 29.36 -25.69 -5.32
N VAL B 226 28.58 -26.39 -4.50
CA VAL B 226 27.13 -26.39 -4.57
C VAL B 226 26.56 -26.01 -3.21
N ALA B 227 25.55 -25.15 -3.21
CA ALA B 227 24.83 -24.74 -2.00
C ALA B 227 23.35 -25.08 -2.15
N ILE B 228 22.72 -25.42 -1.03
CA ILE B 228 21.27 -25.63 -0.98
C ILE B 228 20.59 -24.26 -0.88
N SER B 229 19.55 -24.05 -1.71
N SER B 229 19.57 -24.04 -1.70
CA SER B 229 18.72 -22.85 -1.70
CA SER B 229 18.79 -22.80 -1.63
C SER B 229 17.47 -23.12 -0.87
C SER B 229 17.47 -23.07 -0.92
N ILE B 230 17.13 -22.20 0.02
CA ILE B 230 15.90 -22.30 0.82
C ILE B 230 15.20 -20.94 0.85
N HIS B 231 13.87 -20.97 0.78
CA HIS B 231 13.04 -19.80 1.03
C HIS B 231 12.54 -19.89 2.47
N ALA B 232 12.75 -18.82 3.26
CA ALA B 232 12.48 -18.87 4.70
C ALA B 232 11.84 -17.58 5.19
N TYR B 233 10.60 -17.34 4.75
CA TYR B 233 9.77 -16.24 5.26
C TYR B 233 9.13 -16.67 6.59
N VAL B 234 9.98 -16.93 7.59
CA VAL B 234 9.53 -17.62 8.81
C VAL B 234 9.60 -16.71 10.03
N PRO B 235 8.69 -16.87 11.01
CA PRO B 235 7.52 -17.76 10.95
C PRO B 235 6.39 -17.19 10.10
N TYR B 236 5.81 -18.02 9.23
CA TYR B 236 4.85 -17.56 8.22
C TYR B 236 3.67 -16.85 8.86
N ASP B 237 3.18 -17.34 10.00
CA ASP B 237 2.00 -16.73 10.63
C ASP B 237 2.25 -15.26 10.97
N PHE B 238 3.50 -14.89 11.30
CA PHE B 238 3.87 -13.49 11.57
C PHE B 238 4.25 -12.74 10.29
N THR B 239 5.05 -13.36 9.41
CA THR B 239 5.63 -12.60 8.30
C THR B 239 4.58 -12.23 7.25
N MET B 240 3.63 -13.13 6.95
CA MET B 240 2.80 -12.93 5.77
C MET B 240 1.34 -13.40 5.81
N ASN B 241 0.98 -14.27 6.75
CA ASN B 241 -0.32 -14.96 6.69
C ASN B 241 -1.48 -14.00 6.94
N THR B 242 -2.31 -13.76 5.91
CA THR B 242 -3.44 -12.86 6.08
C THR B 242 -4.62 -13.50 6.82
N ALA B 243 -4.59 -14.81 7.05
CA ALA B 243 -5.59 -15.47 7.87
C ALA B 243 -5.34 -15.27 9.36
N VAL B 244 -4.16 -14.75 9.71
CA VAL B 244 -3.87 -14.27 11.06
C VAL B 244 -4.22 -12.78 11.10
N SER B 245 -5.10 -12.41 12.04
N SER B 245 -5.10 -12.41 12.03
CA SER B 245 -5.75 -11.11 12.00
CA SER B 245 -5.73 -11.09 11.98
C SER B 245 -4.82 -9.98 12.46
C SER B 245 -4.76 -9.99 12.40
N ASP B 246 -3.93 -10.23 13.41
CA ASP B 246 -3.07 -9.20 14.00
C ASP B 246 -1.62 -9.58 13.86
N HIS B 247 -0.79 -8.65 13.38
CA HIS B 247 0.65 -8.86 13.22
C HIS B 247 1.49 -7.82 13.98
N SER B 248 0.92 -7.21 15.02
CA SER B 248 1.55 -6.07 15.65
C SER B 248 2.72 -6.42 16.56
N THR B 249 2.86 -7.70 16.96
CA THR B 249 3.77 -8.07 18.04
C THR B 249 4.58 -9.31 17.69
N PHE B 250 5.91 -9.20 17.81
CA PHE B 250 6.81 -10.34 17.63
C PHE B 250 6.98 -11.04 18.98
N SER B 251 6.03 -11.92 19.28
CA SER B 251 5.93 -12.57 20.58
C SER B 251 6.99 -13.66 20.75
N THR B 252 7.14 -14.11 22.01
CA THR B 252 8.02 -15.25 22.31
C THR B 252 7.63 -16.48 21.49
N LYS B 253 6.32 -16.71 21.28
CA LYS B 253 5.90 -17.84 20.44
C LYS B 253 6.58 -17.77 19.07
N TYR B 254 6.54 -16.60 18.44
CA TYR B 254 7.14 -16.44 17.11
C TYR B 254 8.67 -16.49 17.18
N SER B 255 9.26 -15.95 18.25
CA SER B 255 10.70 -16.01 18.41
C SER B 255 11.19 -17.45 18.52
N SER B 256 10.47 -18.27 19.30
CA SER B 256 10.87 -19.68 19.46
CA SER B 256 10.87 -19.67 19.46
C SER B 256 10.74 -20.44 18.15
N SER B 257 9.68 -20.18 17.38
CA SER B 257 9.47 -20.86 16.11
C SER B 257 10.57 -20.50 15.12
N LEU B 258 10.93 -19.22 15.03
CA LEU B 258 12.03 -18.80 14.16
C LEU B 258 13.33 -19.50 14.54
N ASN B 259 13.64 -19.57 15.83
CA ASN B 259 14.89 -20.21 16.26
C ASN B 259 14.90 -21.69 15.91
N GLN B 260 13.77 -22.37 16.10
CA GLN B 260 13.70 -23.80 15.77
C GLN B 260 13.98 -24.04 14.29
N THR B 261 13.39 -23.23 13.41
CA THR B 261 13.60 -23.40 11.98
C THR B 261 15.07 -23.18 11.60
N LEU B 262 15.66 -22.07 12.05
CA LEU B 262 17.04 -21.78 11.67
C LEU B 262 18.00 -22.81 12.26
N GLU B 263 17.76 -23.27 13.49
CA GLU B 263 18.61 -24.31 14.06
C GLU B 263 18.51 -25.62 13.29
N SER B 264 17.33 -25.96 12.74
CA SER B 264 17.23 -27.18 11.95
C SER B 264 18.09 -27.10 10.69
N ILE B 265 18.25 -25.90 10.13
CA ILE B 265 19.07 -25.72 8.94
C ILE B 265 20.55 -25.87 9.28
N ARG B 266 21.00 -25.30 10.40
CA ARG B 266 22.38 -25.49 10.81
C ARG B 266 22.67 -26.95 11.14
N ASN B 267 21.74 -27.61 11.83
N ASN B 267 21.74 -27.60 11.84
CA ASN B 267 21.99 -28.98 12.24
CA ASN B 267 21.97 -28.99 12.27
C ASN B 267 22.05 -29.92 11.05
C ASN B 267 22.04 -29.92 11.06
N THR B 268 21.17 -29.73 10.06
CA THR B 268 21.12 -30.62 8.91
C THR B 268 22.23 -30.33 7.89
N PHE B 269 22.52 -29.05 7.63
CA PHE B 269 23.37 -28.67 6.51
C PHE B 269 24.68 -28.04 6.94
N THR B 270 24.66 -26.80 7.46
CA THR B 270 25.90 -26.02 7.50
C THR B 270 26.88 -26.55 8.53
N SER B 271 26.41 -27.08 9.66
CA SER B 271 27.34 -27.64 10.63
C SER B 271 27.99 -28.92 10.12
N LYS B 272 27.45 -29.52 9.07
CA LYS B 272 27.99 -30.72 8.44
C LYS B 272 28.73 -30.41 7.15
N GLY B 273 29.05 -29.14 6.89
CA GLY B 273 29.85 -28.74 5.75
C GLY B 273 29.10 -28.54 4.45
N ILE B 274 27.78 -28.45 4.47
CA ILE B 274 26.97 -28.25 3.27
C ILE B 274 26.56 -26.79 3.22
N PRO B 275 27.06 -25.98 2.27
CA PRO B 275 26.66 -24.56 2.21
C PRO B 275 25.16 -24.38 1.97
N VAL B 276 24.64 -23.27 2.53
CA VAL B 276 23.25 -22.86 2.38
C VAL B 276 23.18 -21.37 2.04
N VAL B 277 22.28 -21.01 1.11
CA VAL B 277 21.89 -19.63 0.83
C VAL B 277 20.38 -19.53 1.01
N ILE B 278 19.94 -18.58 1.83
CA ILE B 278 18.51 -18.27 1.97
C ILE B 278 18.22 -17.24 0.88
N GLY B 279 17.71 -17.72 -0.26
CA GLY B 279 17.56 -16.89 -1.44
C GLY B 279 16.35 -15.98 -1.45
N GLU B 280 15.37 -16.25 -0.58
CA GLU B 280 14.27 -15.32 -0.32
C GLU B 280 13.92 -15.35 1.16
N PHE B 281 13.74 -14.17 1.78
CA PHE B 281 13.16 -14.02 3.10
C PHE B 281 12.56 -12.62 3.20
N GLY B 282 11.75 -12.39 4.22
CA GLY B 282 11.16 -11.08 4.42
C GLY B 282 9.92 -11.11 5.29
N THR B 283 9.37 -9.90 5.49
CA THR B 283 8.13 -9.67 6.22
C THR B 283 7.31 -8.65 5.43
N SER B 284 5.98 -8.80 5.44
CA SER B 284 5.13 -7.82 4.79
C SER B 284 4.85 -6.63 5.72
N ASN B 285 4.61 -5.47 5.10
CA ASN B 285 4.21 -4.26 5.83
C ASN B 285 2.76 -4.36 6.28
N PHE B 286 2.55 -4.75 7.54
CA PHE B 286 1.24 -4.71 8.18
C PHE B 286 1.09 -3.50 9.11
N GLY B 287 1.82 -2.40 8.84
CA GLY B 287 1.83 -1.30 9.80
C GLY B 287 2.43 -1.69 11.13
N ASN B 288 3.43 -2.57 11.11
CA ASN B 288 4.00 -3.21 12.29
C ASN B 288 5.53 -3.07 12.31
N THR B 289 6.01 -1.84 12.12
CA THR B 289 7.45 -1.62 11.96
C THR B 289 8.24 -2.09 13.18
N GLU B 290 7.75 -1.78 14.39
CA GLU B 290 8.49 -2.15 15.60
C GLU B 290 8.69 -3.66 15.68
N ALA B 291 7.65 -4.43 15.36
CA ALA B 291 7.75 -5.89 15.42
C ALA B 291 8.67 -6.43 14.33
N ARG B 292 8.63 -5.83 13.13
CA ARG B 292 9.50 -6.27 12.05
C ARG B 292 10.97 -6.00 12.38
N VAL B 293 11.26 -4.92 13.09
CA VAL B 293 12.63 -4.63 13.52
C VAL B 293 13.13 -5.70 14.50
N LYS B 294 12.29 -6.09 15.46
CA LYS B 294 12.68 -7.14 16.41
CA LYS B 294 12.68 -7.13 16.41
C LYS B 294 12.90 -8.47 15.70
N TRP B 295 12.03 -8.80 14.75
CA TRP B 295 12.20 -10.01 13.94
C TRP B 295 13.52 -9.97 13.19
N ALA B 296 13.84 -8.83 12.59
CA ALA B 296 15.06 -8.71 11.79
C ALA B 296 16.30 -8.83 12.65
N GLU B 297 16.27 -8.29 13.88
CA GLU B 297 17.44 -8.38 14.74
C GLU B 297 17.76 -9.84 15.08
N GLN B 298 16.74 -10.61 15.44
CA GLN B 298 16.95 -12.03 15.74
C GLN B 298 17.40 -12.80 14.49
N TYR B 299 16.68 -12.61 13.36
CA TYR B 299 16.99 -13.33 12.13
C TYR B 299 18.44 -13.12 11.72
N MET B 300 18.90 -11.86 11.71
CA MET B 300 20.25 -11.55 11.23
C MET B 300 21.32 -11.94 12.25
N ARG B 301 21.06 -11.78 13.55
CA ARG B 301 22.07 -12.21 14.53
C ARG B 301 22.32 -13.71 14.41
N THR B 302 21.25 -14.48 14.23
CA THR B 302 21.36 -15.94 14.15
C THR B 302 22.06 -16.36 12.85
N THR B 303 21.61 -15.85 11.70
CA THR B 303 22.20 -16.29 10.44
C THR B 303 23.64 -15.79 10.30
N LYS B 304 23.97 -14.62 10.86
CA LYS B 304 25.36 -14.17 10.86
C LYS B 304 26.25 -15.18 11.58
N GLU B 305 25.83 -15.61 12.78
CA GLU B 305 26.61 -16.59 13.51
C GLU B 305 26.74 -17.89 12.72
N MET B 306 25.68 -18.29 12.03
CA MET B 306 25.67 -19.54 11.27
C MET B 306 26.38 -19.44 9.93
N GLY B 307 26.71 -18.25 9.46
CA GLY B 307 27.39 -18.11 8.18
C GLY B 307 26.48 -18.41 7.00
N ILE B 308 25.23 -17.97 7.07
CA ILE B 308 24.25 -18.16 6.00
C ILE B 308 23.85 -16.80 5.45
N PRO B 309 24.19 -16.48 4.20
CA PRO B 309 23.73 -15.21 3.62
C PRO B 309 22.25 -15.27 3.24
N CYS B 310 21.57 -14.14 3.42
CA CYS B 310 20.13 -14.02 3.21
C CYS B 310 19.82 -12.95 2.17
N VAL B 311 18.81 -13.20 1.33
CA VAL B 311 18.50 -12.32 0.21
C VAL B 311 17.05 -11.84 0.36
N LEU B 312 16.88 -10.55 0.64
CA LEU B 312 15.58 -9.96 0.96
C LEU B 312 14.70 -9.84 -0.30
N TRP B 313 13.42 -10.22 -0.17
CA TRP B 313 12.46 -10.07 -1.26
C TRP B 313 11.93 -8.63 -1.28
N ASP B 314 12.15 -7.91 -2.38
CA ASP B 314 11.67 -6.53 -2.53
C ASP B 314 10.89 -6.41 -3.84
N ASN B 315 9.56 -6.30 -3.74
CA ASN B 315 8.70 -6.22 -4.92
C ASN B 315 8.18 -4.81 -5.19
N ASN B 316 8.64 -3.81 -4.44
CA ASN B 316 8.22 -2.40 -4.64
C ASN B 316 6.71 -2.18 -4.40
N VAL B 317 6.10 -3.01 -3.57
CA VAL B 317 4.68 -2.87 -3.18
C VAL B 317 4.63 -2.52 -1.69
N ILE B 318 4.10 -1.34 -1.36
CA ILE B 318 4.06 -0.88 0.03
C ILE B 318 2.65 -0.99 0.64
N ASN B 319 1.59 -0.73 -0.14
CA ASN B 319 0.21 -0.82 0.33
C ASN B 319 -0.60 -1.59 -0.70
N ALA B 320 -1.38 -2.59 -0.25
CA ALA B 320 -2.14 -3.46 -1.16
C ALA B 320 -3.24 -4.20 -0.39
N PRO B 321 -4.43 -3.61 -0.26
CA PRO B 321 -5.45 -4.23 0.60
C PRO B 321 -5.93 -5.60 0.15
N SER B 322 -5.89 -5.91 -1.15
CA SER B 322 -6.32 -7.22 -1.62
C SER B 322 -5.18 -8.25 -1.61
N SER B 323 -3.97 -7.85 -1.24
CA SER B 323 -2.83 -8.77 -1.11
C SER B 323 -1.93 -8.28 0.03
N ALA B 324 -2.50 -8.21 1.24
CA ALA B 324 -1.84 -7.51 2.35
C ALA B 324 -0.59 -8.23 2.84
N GLY B 325 -0.43 -9.51 2.52
CA GLY B 325 0.76 -10.25 2.87
C GLY B 325 1.88 -10.19 1.85
N GLU B 326 1.68 -9.40 0.79
CA GLU B 326 2.66 -9.26 -0.29
C GLU B 326 3.17 -7.82 -0.40
N CYS B 327 3.18 -7.08 0.72
CA CYS B 327 3.68 -5.70 0.74
C CYS B 327 5.15 -5.72 1.16
N HIS B 328 6.00 -6.10 0.19
CA HIS B 328 7.42 -6.31 0.38
C HIS B 328 8.27 -5.18 -0.22
N GLY B 329 7.77 -3.94 -0.22
CA GLY B 329 8.56 -2.83 -0.76
C GLY B 329 9.54 -2.26 0.26
N TYR B 330 10.78 -2.00 -0.20
CA TYR B 330 11.81 -1.32 0.59
C TYR B 330 12.38 -0.10 -0.16
N LEU B 331 12.90 -0.31 -1.37
CA LEU B 331 13.35 0.78 -2.23
C LEU B 331 12.17 1.31 -3.06
N ASN B 332 11.85 2.59 -2.90
CA ASN B 332 10.86 3.25 -3.75
C ASN B 332 11.55 3.52 -5.08
N ARG B 333 11.32 2.67 -6.07
N ARG B 333 11.28 2.69 -6.08
CA ARG B 333 12.09 2.73 -7.30
CA ARG B 333 12.02 2.74 -7.33
C ARG B 333 11.84 4.03 -8.07
C ARG B 333 11.67 3.96 -8.17
N SER B 334 10.68 4.66 -7.86
N SER B 334 10.61 4.69 -7.83
CA SER B 334 10.31 5.83 -8.64
CA SER B 334 10.23 5.87 -8.59
C SER B 334 11.16 7.05 -8.29
C SER B 334 11.13 7.07 -8.28
N ASN B 335 11.65 7.17 -7.04
CA ASN B 335 12.42 8.33 -6.64
C ASN B 335 13.69 7.99 -5.86
N LEU B 336 14.02 6.70 -5.72
CA LEU B 336 15.27 6.25 -5.12
C LEU B 336 15.37 6.61 -3.63
N THR B 337 14.23 6.77 -2.96
CA THR B 337 14.17 6.82 -1.50
C THR B 337 13.78 5.44 -0.97
N TRP B 338 13.92 5.25 0.35
CA TRP B 338 13.48 4.04 1.04
C TRP B 338 12.17 4.32 1.78
N TYR B 339 11.17 3.47 1.57
CA TYR B 339 9.87 3.66 2.21
C TYR B 339 10.04 3.80 3.73
N THR B 340 9.40 4.83 4.28
CA THR B 340 9.56 5.18 5.69
C THR B 340 9.14 4.03 6.61
N GLU B 341 8.11 3.27 6.22
CA GLU B 341 7.64 2.18 7.06
C GLU B 341 8.66 1.07 7.21
N SER B 342 9.46 0.82 6.17
CA SER B 342 10.32 -0.34 6.16
CA SER B 342 10.32 -0.34 6.11
C SER B 342 11.80 -0.02 6.25
N GLU B 343 12.20 1.25 6.17
CA GLU B 343 13.63 1.55 6.28
C GLU B 343 14.22 1.15 7.63
N PRO B 344 13.54 1.31 8.76
CA PRO B 344 14.13 0.82 10.02
C PRO B 344 14.42 -0.68 10.01
N VAL B 345 13.67 -1.44 9.21
CA VAL B 345 13.88 -2.89 9.13
C VAL B 345 15.20 -3.19 8.41
N VAL B 346 15.42 -2.56 7.26
CA VAL B 346 16.71 -2.70 6.57
C VAL B 346 17.85 -2.17 7.43
N ASN B 347 17.62 -1.05 8.11
CA ASN B 347 18.70 -0.44 8.91
C ASN B 347 19.15 -1.38 10.03
N LYS B 348 18.21 -2.09 10.66
CA LYS B 348 18.58 -3.08 11.68
C LYS B 348 19.44 -4.20 11.09
N MET B 349 19.07 -4.69 9.90
CA MET B 349 19.87 -5.73 9.26
C MET B 349 21.32 -5.27 9.07
N MET B 350 21.51 -4.05 8.57
CA MET B 350 22.87 -3.56 8.34
C MET B 350 23.60 -3.27 9.65
N GLU B 351 22.88 -2.85 10.68
CA GLU B 351 23.49 -2.63 11.99
C GLU B 351 24.08 -3.93 12.54
N VAL B 352 23.30 -5.02 12.46
CA VAL B 352 23.74 -6.32 12.96
C VAL B 352 24.97 -6.81 12.19
N LEU B 353 24.94 -6.70 10.86
CA LEU B 353 26.04 -7.22 10.06
C LEU B 353 27.31 -6.38 10.22
N GLY B 354 27.16 -5.09 10.50
CA GLY B 354 28.34 -4.27 10.75
C GLY B 354 29.28 -4.16 9.56
N VAL B 355 30.49 -3.70 9.86
CA VAL B 355 31.51 -3.44 8.83
C VAL B 355 32.10 -4.74 8.30
C1 EOH C . -21.13 0.62 7.69
C2 EOH C . -20.80 0.74 6.21
O EOH C . -21.41 1.86 8.29
H11 EOH C . -21.99 -0.03 7.80
H12 EOH C . -20.29 0.16 8.20
H21 EOH C . -19.93 1.39 6.07
H22 EOH C . -21.65 1.17 5.68
H23 EOH C . -20.57 -0.25 5.81
HO EOH C . -21.68 1.72 9.22
C1 EOH D . 0.95 -14.33 18.84
C2 EOH D . 1.10 -12.82 18.88
O EOH D . 1.84 -14.95 19.72
H11 EOH D . -0.08 -14.60 19.10
H12 EOH D . 1.13 -14.68 17.82
H21 EOH D . 2.12 -12.54 18.61
H22 EOH D . 0.89 -12.45 19.88
H23 EOH D . 0.41 -12.35 18.17
HO EOH D . 1.38 -15.68 20.18
C1 EOH E . 13.33 -32.86 -2.02
C2 EOH E . 13.52 -32.74 -3.52
O EOH E . 12.61 -31.78 -1.45
H11 EOH E . 12.79 -33.79 -1.80
H12 EOH E . 14.30 -32.93 -1.54
H21 EOH E . 14.09 -31.84 -3.74
H22 EOH E . 12.55 -32.67 -4.01
H23 EOH E . 14.06 -33.61 -3.89
HO EOH E . 12.99 -31.57 -0.57
C1 EOH F . 6.97 -21.66 22.67
C2 EOH F . 6.59 -22.52 23.89
O EOH F . 7.42 -20.38 23.04
H11 EOH F . 7.75 -22.17 22.11
H12 EOH F . 6.10 -21.57 22.03
H21 EOH F . 7.06 -23.50 23.80
H22 EOH F . 5.51 -22.64 23.92
H23 EOH F . 6.93 -22.02 24.80
HO EOH F . 6.71 -19.72 22.87
#